data_2Q2A
#
_entry.id   2Q2A
#
_cell.length_a   71.512
_cell.length_b   67.794
_cell.length_c   102.676
_cell.angle_alpha   90.00
_cell.angle_beta   95.16
_cell.angle_gamma   90.00
#
_symmetry.space_group_name_H-M   'P 1 21 1'
#
loop_
_entity.id
_entity.type
_entity.pdbx_description
1 polymer ArtJ
2 non-polymer 'SULFATE ION'
3 non-polymer ARGININE
4 water water
#
_entity_poly.entity_id   1
_entity_poly.type   'polypeptide(L)'
_entity_poly.pdbx_seq_one_letter_code
;MGSSHHHHHHSSGLVPRGSHMGGGRSTETSSSSGGDGGATKKKVVVGTDAAFAPFEYMQKGKIVGFDVDLLDAVMKAAGL
DYELKNIGWDPLFASLQSKEVDMGISGITITDERKQSYDFSDPYFEATQVILVKQGSPVKNALDLKGKTIGVQNATTGQE
AAEKLFGKGPHIKKFETTVVAIMELLNGGVDAVITDNAVANEYVKNNPNKKLQVIEDPKNFASEYYGMIFPKNSELKAKV
DEALKNVINSGKYTEIYKKWFGKEPKLDRLKQ
;
_entity_poly.pdbx_strand_id   A,B,C,D
#
loop_
_chem_comp.id
_chem_comp.type
_chem_comp.name
_chem_comp.formula
SO4 non-polymer 'SULFATE ION' 'O4 S -2'
#
# COMPACT_ATOMS: atom_id res chain seq x y z
N SER A 32 -34.75 24.21 21.75
N SER A 32 -35.00 25.90 19.63
CA SER A 32 -34.34 24.86 20.48
CA SER A 32 -34.33 24.92 20.54
C SER A 32 -32.83 25.09 20.34
N SER A 33 -32.07 24.85 21.40
CA SER A 33 -30.61 25.11 21.37
C SER A 33 -29.90 24.31 20.29
N GLY A 34 -28.96 24.96 19.61
CA GLY A 34 -28.30 24.36 18.46
C GLY A 34 -29.01 24.58 17.12
N GLY A 35 -30.24 25.11 17.16
CA GLY A 35 -31.01 25.37 15.94
C GLY A 35 -31.66 26.74 15.96
N ASP A 36 -32.47 27.02 14.93
CA ASP A 36 -33.13 28.33 14.84
C ASP A 36 -34.62 28.27 15.25
N GLY A 37 -35.01 27.20 15.95
CA GLY A 37 -36.40 26.99 16.39
C GLY A 37 -37.45 27.12 15.27
N GLY A 38 -37.05 26.81 14.05
CA GLY A 38 -37.98 26.84 12.91
C GLY A 38 -38.13 28.16 12.17
N ALA A 39 -37.18 29.07 12.36
CA ALA A 39 -37.22 30.41 11.73
C ALA A 39 -37.14 30.35 10.20
N THR A 40 -36.31 29.43 9.68
CA THR A 40 -36.27 29.14 8.25
C THR A 40 -36.19 27.65 8.06
N LYS A 41 -37.01 27.12 7.16
CA LYS A 41 -36.89 25.72 6.81
C LYS A 41 -35.57 25.51 6.04
N LYS A 42 -34.73 24.62 6.56
CA LYS A 42 -33.43 24.36 5.96
C LYS A 42 -33.60 23.64 4.62
N LYS A 43 -32.62 23.86 3.73
CA LYS A 43 -32.60 23.21 2.43
C LYS A 43 -32.01 21.83 2.58
N VAL A 44 -32.49 20.90 1.75
CA VAL A 44 -31.88 19.57 1.69
C VAL A 44 -30.47 19.70 1.11
N VAL A 45 -29.50 19.06 1.78
CA VAL A 45 -28.12 19.11 1.34
C VAL A 45 -27.81 17.87 0.51
N VAL A 46 -27.58 18.07 -0.78
CA VAL A 46 -27.32 16.98 -1.71
C VAL A 46 -25.84 17.02 -2.12
N GLY A 47 -25.17 15.87 -1.97
CA GLY A 47 -23.76 15.77 -2.34
C GLY A 47 -23.57 14.98 -3.62
N THR A 48 -22.51 15.33 -4.34
CA THR A 48 -22.12 14.64 -5.55
C THR A 48 -20.59 14.69 -5.77
N ASP A 49 -20.12 13.85 -6.69
CA ASP A 49 -18.73 13.91 -7.16
C ASP A 49 -18.76 14.28 -8.64
N ALA A 50 -18.72 15.58 -8.92
CA ALA A 50 -18.93 16.07 -10.28
C ALA A 50 -17.66 15.95 -11.13
N ALA A 51 -17.29 14.69 -11.40
CA ALA A 51 -16.12 14.34 -12.22
C ALA A 51 -16.48 13.01 -12.85
N PHE A 52 -17.69 12.98 -13.43
CA PHE A 52 -18.29 11.73 -13.91
C PHE A 52 -19.27 12.04 -15.06
N ALA A 53 -18.79 12.74 -16.09
CA ALA A 53 -19.62 13.05 -17.27
C ALA A 53 -20.12 11.75 -17.91
N PRO A 54 -21.38 11.70 -18.38
CA PRO A 54 -22.38 12.76 -18.50
C PRO A 54 -23.31 12.92 -17.31
N PHE A 55 -23.04 12.22 -16.23
CA PHE A 55 -23.96 12.29 -15.06
C PHE A 55 -23.81 13.53 -14.21
N GLU A 56 -22.57 13.83 -13.85
CA GLU A 56 -22.27 15.08 -13.17
C GLU A 56 -20.86 15.48 -13.54
N TYR A 57 -20.72 16.74 -13.93
CA TYR A 57 -19.39 17.31 -14.20
C TYR A 57 -19.46 18.82 -14.12
N MET A 58 -18.30 19.47 -14.25
CA MET A 58 -18.24 20.94 -14.12
C MET A 58 -18.12 21.55 -15.50
N GLN A 59 -18.85 22.64 -15.70
CA GLN A 59 -18.85 23.34 -16.96
C GLN A 59 -19.00 24.82 -16.63
N LYS A 60 -17.93 25.58 -16.88
CA LYS A 60 -17.92 27.03 -16.60
C LYS A 60 -18.35 27.31 -15.15
N GLY A 61 -17.83 26.51 -14.23
CA GLY A 61 -18.03 26.64 -12.79
C GLY A 61 -19.40 26.24 -12.25
N LYS A 62 -20.22 25.62 -13.08
CA LYS A 62 -21.53 25.08 -12.66
C LYS A 62 -21.51 23.55 -12.75
N ILE A 63 -22.30 22.91 -11.90
CA ILE A 63 -22.44 21.44 -11.96
C ILE A 63 -23.51 21.15 -13.00
N VAL A 64 -23.19 20.30 -13.98
CA VAL A 64 -24.16 19.95 -15.01
C VAL A 64 -24.20 18.43 -15.19
N GLY A 65 -25.21 17.96 -15.91
CA GLY A 65 -25.26 16.53 -16.22
C GLY A 65 -26.63 15.90 -16.05
N PHE A 66 -26.71 14.63 -16.41
CA PHE A 66 -27.98 13.93 -16.37
C PHE A 66 -28.50 13.88 -14.94
N ASP A 67 -27.64 13.51 -13.97
CA ASP A 67 -28.06 13.49 -12.58
C ASP A 67 -28.50 14.86 -12.08
N VAL A 68 -27.82 15.91 -12.53
CA VAL A 68 -28.15 17.25 -12.11
C VAL A 68 -29.57 17.61 -12.56
N ASP A 69 -29.87 17.32 -13.82
CA ASP A 69 -31.20 17.58 -14.34
C ASP A 69 -32.26 16.74 -13.67
N LEU A 70 -31.96 15.46 -13.47
CA LEU A 70 -32.94 14.55 -12.88
C LEU A 70 -33.18 14.99 -11.44
N LEU A 71 -32.12 15.32 -10.72
CA LEU A 71 -32.29 15.80 -9.33
C LEU A 71 -33.21 17.03 -9.25
N ASP A 72 -33.00 18.01 -10.13
CA ASP A 72 -33.78 19.24 -10.09
C ASP A 72 -35.26 18.92 -10.34
N ALA A 73 -35.53 18.07 -11.33
CA ALA A 73 -36.91 17.66 -11.56
C ALA A 73 -37.51 16.89 -10.38
N VAL A 74 -36.73 15.99 -9.79
CA VAL A 74 -37.19 15.17 -8.67
C VAL A 74 -37.53 16.04 -7.44
N MET A 75 -36.57 16.88 -7.05
CA MET A 75 -36.76 17.68 -5.84
C MET A 75 -37.90 18.68 -6.02
N LYS A 76 -38.06 19.19 -7.25
CA LYS A 76 -39.15 20.11 -7.57
C LYS A 76 -40.51 19.41 -7.50
N ALA A 77 -40.59 18.18 -8.02
CA ALA A 77 -41.81 17.35 -7.90
C ALA A 77 -42.12 17.01 -6.42
N ALA A 78 -41.07 16.88 -5.62
CA ALA A 78 -41.18 16.62 -4.18
C ALA A 78 -41.49 17.90 -3.39
N GLY A 79 -41.33 19.05 -4.03
CA GLY A 79 -41.51 20.34 -3.36
C GLY A 79 -40.49 20.61 -2.28
N LEU A 80 -39.24 20.18 -2.53
CA LEU A 80 -38.15 20.26 -1.55
C LEU A 80 -37.03 21.16 -2.04
N ASP A 81 -36.81 22.26 -1.31
CA ASP A 81 -35.74 23.17 -1.68
C ASP A 81 -34.44 22.45 -1.34
N TYR A 82 -33.42 22.64 -2.17
CA TYR A 82 -32.19 21.87 -2.02
C TYR A 82 -30.95 22.64 -2.50
N GLU A 83 -29.78 22.17 -2.06
CA GLU A 83 -28.50 22.68 -2.51
C GLU A 83 -27.68 21.50 -3.03
N LEU A 84 -27.10 21.61 -4.23
CA LEU A 84 -26.21 20.55 -4.72
C LEU A 84 -24.73 20.92 -4.48
N LYS A 85 -24.00 20.07 -3.75
CA LYS A 85 -22.59 20.37 -3.48
C LYS A 85 -21.66 19.36 -4.13
N ASN A 86 -20.66 19.86 -4.83
CA ASN A 86 -19.61 19.01 -5.37
C ASN A 86 -18.56 18.70 -4.30
N ILE A 87 -18.84 17.68 -3.50
CA ILE A 87 -18.06 17.39 -2.30
C ILE A 87 -17.04 16.28 -2.55
N GLY A 88 -17.17 15.59 -3.69
CA GLY A 88 -16.23 14.49 -4.00
C GLY A 88 -16.72 13.14 -3.51
N TRP A 89 -16.01 12.08 -3.92
CA TRP A 89 -16.58 10.74 -3.83
C TRP A 89 -16.48 10.15 -2.42
N ASP A 90 -15.25 10.00 -1.94
CA ASP A 90 -15.06 9.47 -0.60
C ASP A 90 -15.66 10.39 0.47
N PRO A 91 -15.48 11.72 0.34
CA PRO A 91 -16.23 12.61 1.26
C PRO A 91 -17.75 12.44 1.25
N LEU A 92 -18.33 12.19 0.08
CA LEU A 92 -19.80 12.02 -0.02
C LEU A 92 -20.27 10.87 0.86
N PHE A 93 -19.59 9.73 0.77
CA PHE A 93 -19.97 8.63 1.63
C PHE A 93 -19.75 8.89 3.14
N ALA A 94 -18.61 9.49 3.47
CA ALA A 94 -18.32 9.84 4.86
C ALA A 94 -19.42 10.78 5.41
N SER A 95 -19.86 11.71 4.58
CA SER A 95 -20.81 12.73 4.99
C SER A 95 -22.26 12.22 5.10
N LEU A 96 -22.61 11.23 4.28
CA LEU A 96 -23.88 10.49 4.46
C LEU A 96 -23.89 9.76 5.81
N GLN A 97 -22.78 9.12 6.15
CA GLN A 97 -22.69 8.39 7.40
C GLN A 97 -22.94 9.29 8.61
N SER A 98 -22.32 10.48 8.59
CA SER A 98 -22.45 11.47 9.69
C SER A 98 -23.76 12.26 9.61
N LYS A 99 -24.45 12.13 8.47
CA LYS A 99 -25.70 12.86 8.17
C LYS A 99 -25.48 14.38 7.93
N GLU A 100 -24.21 14.81 7.78
CA GLU A 100 -23.93 16.18 7.36
C GLU A 100 -24.46 16.46 5.95
N VAL A 101 -24.49 15.42 5.12
CA VAL A 101 -25.16 15.47 3.81
C VAL A 101 -26.43 14.59 3.91
N ASP A 102 -27.57 15.10 3.41
CA ASP A 102 -28.87 14.47 3.61
C ASP A 102 -29.19 13.44 2.55
N MET A 103 -28.53 13.55 1.40
CA MET A 103 -28.89 12.83 0.19
C MET A 103 -27.71 12.87 -0.76
N GLY A 104 -27.58 11.86 -1.61
CA GLY A 104 -26.55 11.89 -2.64
C GLY A 104 -27.13 11.51 -3.99
N ILE A 105 -26.63 12.14 -5.05
CA ILE A 105 -26.83 11.62 -6.42
C ILE A 105 -25.50 11.70 -7.15
N SER A 106 -25.01 10.57 -7.65
CA SER A 106 -23.64 10.58 -8.13
C SER A 106 -23.35 9.36 -9.00
N GLY A 107 -24.31 8.94 -9.82
CA GLY A 107 -24.18 7.71 -10.63
C GLY A 107 -23.88 6.52 -9.73
N ILE A 108 -24.57 6.44 -8.60
CA ILE A 108 -24.26 5.47 -7.52
C ILE A 108 -24.99 4.17 -7.75
N THR A 109 -24.23 3.10 -7.88
CA THR A 109 -24.81 1.75 -8.00
C THR A 109 -25.43 1.25 -6.68
N ILE A 110 -26.65 0.72 -6.77
CA ILE A 110 -27.28 0.08 -5.64
C ILE A 110 -26.59 -1.30 -5.43
N THR A 111 -26.05 -1.50 -4.25
CA THR A 111 -25.43 -2.81 -3.93
C THR A 111 -25.87 -3.29 -2.55
N ASP A 112 -25.86 -4.61 -2.38
CA ASP A 112 -26.21 -5.19 -1.09
C ASP A 112 -25.31 -4.69 0.06
N GLU A 113 -24.01 -4.56 -0.18
CA GLU A 113 -23.11 -4.08 0.87
C GLU A 113 -23.44 -2.64 1.24
N ARG A 114 -23.70 -1.81 0.23
CA ARG A 114 -24.05 -0.42 0.51
C ARG A 114 -25.37 -0.29 1.29
N LYS A 115 -26.33 -1.15 0.97
CA LYS A 115 -27.64 -1.22 1.66
C LYS A 115 -27.53 -1.50 3.15
N GLN A 116 -26.42 -2.08 3.56
CA GLN A 116 -26.13 -2.31 4.99
C GLN A 116 -25.89 -1.02 5.73
N SER A 117 -25.45 0.03 5.01
CA SER A 117 -25.07 1.31 5.64
C SER A 117 -25.95 2.52 5.24
N TYR A 118 -26.62 2.42 4.10
CA TYR A 118 -27.35 3.54 3.52
C TYR A 118 -28.66 3.04 2.98
N ASP A 119 -29.59 3.96 2.69
CA ASP A 119 -30.80 3.62 1.93
C ASP A 119 -30.70 4.18 0.52
N PHE A 120 -31.46 3.57 -0.38
CA PHE A 120 -31.48 3.98 -1.79
C PHE A 120 -32.90 4.26 -2.24
N SER A 121 -33.02 5.17 -3.21
CA SER A 121 -34.28 5.35 -3.93
C SER A 121 -34.49 4.11 -4.82
N ASP A 122 -35.68 4.02 -5.40
CA ASP A 122 -35.92 3.11 -6.51
C ASP A 122 -34.93 3.46 -7.64
N PRO A 123 -34.58 2.48 -8.47
CA PRO A 123 -33.55 2.72 -9.48
C PRO A 123 -33.99 3.71 -10.56
N TYR A 124 -33.02 4.47 -11.09
CA TYR A 124 -33.32 5.45 -12.11
C TYR A 124 -32.46 5.29 -13.36
N PHE A 125 -31.59 4.28 -13.38
CA PHE A 125 -30.69 4.09 -14.53
C PHE A 125 -30.09 2.70 -14.47
N GLU A 126 -29.72 2.16 -15.63
CA GLU A 126 -29.03 0.88 -15.69
C GLU A 126 -27.67 1.07 -16.37
N ALA A 127 -26.68 0.31 -15.90
CA ALA A 127 -25.29 0.45 -16.34
C ALA A 127 -24.57 -0.87 -16.23
N THR A 128 -23.35 -0.90 -16.72
CA THR A 128 -22.49 -2.05 -16.47
C THR A 128 -21.07 -1.49 -16.42
N GLN A 129 -20.17 -2.21 -15.78
CA GLN A 129 -18.73 -1.92 -15.92
C GLN A 129 -18.22 -2.33 -17.28
N VAL A 130 -17.22 -1.60 -17.78
CA VAL A 130 -16.58 -1.91 -19.08
C VAL A 130 -15.09 -1.67 -18.89
N ILE A 131 -14.28 -2.13 -19.84
CA ILE A 131 -12.83 -1.94 -19.78
C ILE A 131 -12.45 -0.86 -20.79
N LEU A 132 -11.84 0.22 -20.31
CA LEU A 132 -11.36 1.29 -21.16
C LEU A 132 -9.88 1.12 -21.40
N VAL A 133 -9.50 1.01 -22.66
CA VAL A 133 -8.07 0.84 -23.03
C VAL A 133 -7.68 1.77 -24.19
N LYS A 134 -6.37 1.95 -24.38
CA LYS A 134 -5.88 2.58 -25.60
C LYS A 134 -6.19 1.74 -26.86
N GLN A 135 -6.40 2.37 -28.01
CA GLN A 135 -6.68 1.58 -29.23
C GLN A 135 -5.65 0.51 -29.59
N GLY A 136 -4.40 0.64 -29.17
CA GLY A 136 -3.44 -0.45 -29.46
C GLY A 136 -3.52 -1.68 -28.55
N SER A 137 -4.36 -1.62 -27.51
CA SER A 137 -4.34 -2.65 -26.46
C SER A 137 -4.71 -4.07 -26.94
N PRO A 138 -4.00 -5.09 -26.43
CA PRO A 138 -4.33 -6.48 -26.79
C PRO A 138 -5.53 -7.06 -26.02
N VAL A 139 -6.04 -6.28 -25.07
CA VAL A 139 -7.13 -6.74 -24.20
C VAL A 139 -8.42 -6.93 -25.02
N LYS A 140 -8.95 -8.15 -24.99
CA LYS A 140 -10.24 -8.47 -25.66
C LYS A 140 -11.37 -8.83 -24.67
N ASN A 141 -10.98 -9.09 -23.42
CA ASN A 141 -11.90 -9.47 -22.35
C ASN A 141 -11.22 -9.27 -20.98
N ALA A 142 -11.97 -9.42 -19.90
CA ALA A 142 -11.47 -9.16 -18.56
C ALA A 142 -10.32 -10.07 -18.17
N LEU A 143 -10.38 -11.34 -18.58
CA LEU A 143 -9.35 -12.31 -18.23
C LEU A 143 -7.99 -11.94 -18.82
N ASP A 144 -7.98 -11.15 -19.89
CA ASP A 144 -6.74 -10.67 -20.53
C ASP A 144 -5.97 -9.66 -19.67
N LEU A 145 -6.64 -9.14 -18.64
CA LEU A 145 -6.02 -8.23 -17.69
C LEU A 145 -5.06 -8.90 -16.68
N LYS A 146 -4.89 -10.23 -16.75
CA LYS A 146 -3.96 -10.92 -15.84
C LYS A 146 -2.55 -10.36 -15.96
N GLY A 147 -1.97 -10.01 -14.81
CA GLY A 147 -0.63 -9.46 -14.75
C GLY A 147 -0.55 -7.99 -15.14
N LYS A 148 -1.70 -7.38 -15.45
CA LYS A 148 -1.71 -5.99 -15.90
C LYS A 148 -2.13 -5.04 -14.79
N THR A 149 -1.86 -3.76 -15.00
CA THR A 149 -2.24 -2.77 -14.01
C THR A 149 -3.58 -2.16 -14.41
N ILE A 150 -4.51 -2.09 -13.44
CA ILE A 150 -5.86 -1.63 -13.71
C ILE A 150 -6.15 -0.37 -12.86
N GLY A 151 -6.61 0.71 -13.50
CA GLY A 151 -7.00 1.91 -12.78
C GLY A 151 -8.49 1.91 -12.53
N VAL A 152 -8.87 2.27 -11.29
CA VAL A 152 -10.27 2.39 -10.90
C VAL A 152 -10.41 3.63 -10.00
N GLN A 153 -11.63 4.15 -9.88
CA GLN A 153 -11.91 5.09 -8.82
C GLN A 153 -12.12 4.32 -7.50
N ASN A 154 -11.51 4.82 -6.42
CA ASN A 154 -11.61 4.20 -5.11
C ASN A 154 -13.07 3.92 -4.72
N ALA A 155 -13.29 2.76 -4.11
CA ALA A 155 -14.59 2.41 -3.48
C ALA A 155 -15.72 2.54 -4.49
N THR A 156 -15.50 1.95 -5.66
CA THR A 156 -16.56 1.92 -6.68
C THR A 156 -16.82 0.46 -7.07
N THR A 157 -17.96 0.23 -7.70
CA THR A 157 -18.21 -1.08 -8.29
C THR A 157 -17.17 -1.50 -9.33
N GLY A 158 -16.56 -0.55 -10.04
CA GLY A 158 -15.40 -0.85 -10.91
C GLY A 158 -14.22 -1.44 -10.12
N GLN A 159 -13.93 -0.88 -8.95
CA GLN A 159 -12.87 -1.41 -8.10
C GLN A 159 -13.23 -2.86 -7.67
N GLU A 160 -14.46 -3.03 -7.24
CA GLU A 160 -14.92 -4.37 -6.84
C GLU A 160 -14.84 -5.40 -8.00
N ALA A 161 -15.27 -5.00 -9.19
CA ALA A 161 -15.21 -5.87 -10.39
C ALA A 161 -13.75 -6.22 -10.69
N ALA A 162 -12.84 -5.23 -10.57
CA ALA A 162 -11.42 -5.46 -10.78
C ALA A 162 -10.90 -6.48 -9.77
N GLU A 163 -11.26 -6.28 -8.49
CA GLU A 163 -10.82 -7.19 -7.42
C GLU A 163 -11.39 -8.57 -7.56
N LYS A 164 -12.58 -8.65 -8.15
CA LYS A 164 -13.21 -9.94 -8.40
C LYS A 164 -12.41 -10.83 -9.36
N LEU A 165 -11.72 -10.23 -10.33
CA LEU A 165 -11.05 -10.98 -11.39
C LEU A 165 -9.93 -11.89 -10.87
N PHE A 166 -8.99 -11.31 -10.14
CA PHE A 166 -7.77 -12.03 -9.72
C PHE A 166 -7.50 -11.82 -8.22
N GLY A 167 -8.45 -11.21 -7.53
CA GLY A 167 -8.30 -10.90 -6.11
C GLY A 167 -7.79 -9.49 -5.88
N LYS A 168 -7.87 -9.06 -4.62
CA LYS A 168 -7.35 -7.77 -4.21
C LYS A 168 -5.83 -7.73 -4.33
N GLY A 169 -5.30 -6.54 -4.56
CA GLY A 169 -3.86 -6.39 -4.70
C GLY A 169 -3.47 -5.03 -5.23
N PRO A 170 -2.17 -4.70 -5.13
CA PRO A 170 -1.60 -3.43 -5.57
C PRO A 170 -1.56 -3.24 -7.09
N HIS A 171 -1.82 -4.31 -7.85
CA HIS A 171 -1.97 -4.25 -9.31
C HIS A 171 -3.17 -3.38 -9.71
N ILE A 172 -4.09 -3.18 -8.77
CA ILE A 172 -5.22 -2.31 -9.00
C ILE A 172 -4.92 -0.97 -8.34
N LYS A 173 -4.84 0.08 -9.16
CA LYS A 173 -4.53 1.43 -8.65
C LYS A 173 -5.82 2.22 -8.44
N LYS A 174 -5.96 2.82 -7.26
CA LYS A 174 -7.23 3.42 -6.82
C LYS A 174 -7.07 4.94 -6.74
N PHE A 175 -7.92 5.66 -7.45
CA PHE A 175 -7.83 7.16 -7.52
C PHE A 175 -9.09 7.82 -7.00
N GLU A 176 -8.95 9.05 -6.54
CA GLU A 176 -10.10 9.71 -5.93
C GLU A 176 -11.16 10.14 -6.98
N THR A 177 -10.78 10.20 -8.25
CA THR A 177 -11.72 10.47 -9.34
C THR A 177 -11.51 9.52 -10.49
N THR A 178 -12.60 9.25 -11.17
CA THR A 178 -12.59 8.55 -12.44
C THR A 178 -11.77 9.35 -13.48
N VAL A 179 -11.84 10.68 -13.40
CA VAL A 179 -11.01 11.55 -14.26
C VAL A 179 -9.54 11.19 -14.18
N VAL A 180 -9.03 11.05 -12.95
CA VAL A 180 -7.60 10.77 -12.77
C VAL A 180 -7.26 9.36 -13.22
N ALA A 181 -8.16 8.41 -12.99
CA ALA A 181 -7.97 7.06 -13.51
C ALA A 181 -7.74 7.11 -15.03
N ILE A 182 -8.57 7.86 -15.74
CA ILE A 182 -8.46 7.94 -17.21
C ILE A 182 -7.16 8.67 -17.61
N MET A 183 -6.74 9.63 -16.80
CA MET A 183 -5.49 10.34 -17.09
CA MET A 183 -5.48 10.35 -17.05
C MET A 183 -4.30 9.40 -17.00
N GLU A 184 -4.34 8.48 -16.04
CA GLU A 184 -3.27 7.47 -15.88
C GLU A 184 -3.30 6.42 -16.99
N LEU A 185 -4.47 6.21 -17.58
CA LEU A 185 -4.57 5.38 -18.79
C LEU A 185 -3.85 6.07 -19.93
N LEU A 186 -4.15 7.36 -20.12
CA LEU A 186 -3.55 8.13 -21.22
C LEU A 186 -2.02 8.20 -21.18
N ASN A 187 -1.47 8.38 -20.00
CA ASN A 187 -0.01 8.50 -19.88
C ASN A 187 0.71 7.16 -19.66
N GLY A 188 -0.05 6.05 -19.65
CA GLY A 188 0.52 4.70 -19.52
C GLY A 188 0.80 4.25 -18.10
N GLY A 189 0.32 5.02 -17.13
CA GLY A 189 0.45 4.70 -15.71
C GLY A 189 -0.30 3.41 -15.44
N VAL A 190 -1.43 3.21 -16.13
CA VAL A 190 -2.14 1.95 -16.06
C VAL A 190 -2.40 1.36 -17.45
N ASP A 191 -2.66 0.05 -17.51
CA ASP A 191 -2.93 -0.65 -18.78
C ASP A 191 -4.41 -0.60 -19.22
N ALA A 192 -5.29 -0.34 -18.27
CA ALA A 192 -6.73 -0.42 -18.45
C ALA A 192 -7.40 0.30 -17.31
N VAL A 193 -8.59 0.80 -17.57
CA VAL A 193 -9.46 1.35 -16.52
C VAL A 193 -10.79 0.58 -16.55
N ILE A 194 -11.36 0.30 -15.37
CA ILE A 194 -12.71 -0.30 -15.32
C ILE A 194 -13.63 0.76 -14.73
N THR A 195 -14.62 1.16 -15.51
CA THR A 195 -15.57 2.17 -15.07
C THR A 195 -16.91 1.93 -15.77
N ASP A 196 -17.88 2.81 -15.50
CA ASP A 196 -19.25 2.62 -15.96
C ASP A 196 -19.37 2.90 -17.44
N ASN A 197 -20.21 2.11 -18.10
CA ASN A 197 -20.29 2.13 -19.57
C ASN A 197 -20.63 3.51 -20.16
N ALA A 198 -21.57 4.24 -19.58
CA ALA A 198 -21.96 5.52 -20.20
C ALA A 198 -20.87 6.58 -20.03
N VAL A 199 -20.12 6.48 -18.95
CA VAL A 199 -18.97 7.37 -18.72
C VAL A 199 -17.82 7.06 -19.73
N ALA A 200 -17.50 5.78 -19.88
CA ALA A 200 -16.45 5.35 -20.82
C ALA A 200 -16.86 5.70 -22.27
N ASN A 201 -18.11 5.40 -22.62
CA ASN A 201 -18.63 5.73 -23.96
C ASN A 201 -18.59 7.22 -24.24
N GLU A 202 -19.01 8.03 -23.27
CA GLU A 202 -19.05 9.48 -23.43
C GLU A 202 -17.63 10.03 -23.60
N TYR A 203 -16.69 9.48 -22.85
CA TYR A 203 -15.32 9.94 -22.93
C TYR A 203 -14.76 9.71 -24.33
N VAL A 204 -15.00 8.51 -24.85
CA VAL A 204 -14.54 8.14 -26.20
C VAL A 204 -15.19 9.05 -27.25
N LYS A 205 -16.49 9.27 -27.13
CA LYS A 205 -17.23 10.12 -28.07
C LYS A 205 -16.70 11.55 -28.09
N ASN A 206 -16.39 12.10 -26.92
CA ASN A 206 -15.93 13.47 -26.79
C ASN A 206 -14.42 13.68 -27.04
N ASN A 207 -13.68 12.58 -27.10
CA ASN A 207 -12.21 12.64 -27.18
C ASN A 207 -11.63 11.68 -28.22
N PRO A 208 -12.05 11.82 -29.49
CA PRO A 208 -11.55 10.97 -30.56
C PRO A 208 -10.04 11.04 -30.70
N ASN A 209 -9.47 12.20 -30.41
CA ASN A 209 -8.02 12.44 -30.52
C ASN A 209 -7.19 11.59 -29.56
N LYS A 210 -7.83 11.07 -28.49
CA LYS A 210 -7.11 10.27 -27.50
C LYS A 210 -7.01 8.79 -27.88
N LYS A 211 -7.74 8.39 -28.92
CA LYS A 211 -7.64 7.04 -29.51
C LYS A 211 -7.79 5.96 -28.43
N LEU A 212 -8.85 6.09 -27.63
CA LEU A 212 -9.26 5.03 -26.68
C LEU A 212 -10.37 4.17 -27.26
N GLN A 213 -10.62 3.04 -26.61
CA GLN A 213 -11.72 2.15 -26.98
C GLN A 213 -12.31 1.47 -25.76
N VAL A 214 -13.57 1.07 -25.89
CA VAL A 214 -14.29 0.41 -24.83
C VAL A 214 -14.43 -1.08 -25.20
N ILE A 215 -14.00 -1.91 -24.25
CA ILE A 215 -14.12 -3.35 -24.36
C ILE A 215 -15.21 -3.79 -23.39
N GLU A 216 -16.30 -4.32 -23.93
CA GLU A 216 -17.39 -4.83 -23.08
C GLU A 216 -17.18 -6.32 -22.85
N ASP A 217 -17.51 -6.80 -21.65
CA ASP A 217 -17.41 -8.23 -21.32
C ASP A 217 -18.68 -8.62 -20.54
N PRO A 218 -19.81 -8.79 -21.25
CA PRO A 218 -21.06 -9.04 -20.54
C PRO A 218 -21.08 -10.35 -19.77
N LYS A 219 -20.30 -11.36 -20.19
CA LYS A 219 -20.26 -12.60 -19.42
C LYS A 219 -19.58 -12.36 -18.06
N ASN A 220 -18.67 -11.40 -18.03
CA ASN A 220 -17.95 -11.11 -16.80
C ASN A 220 -18.67 -10.12 -15.89
N PHE A 221 -19.08 -8.99 -16.44
CA PHE A 221 -19.64 -7.88 -15.64
C PHE A 221 -21.14 -8.02 -15.43
N ALA A 222 -21.62 -7.55 -14.29
CA ALA A 222 -23.02 -7.66 -13.90
C ALA A 222 -23.83 -6.42 -14.31
N SER A 223 -25.14 -6.56 -14.42
CA SER A 223 -26.03 -5.41 -14.59
C SER A 223 -26.02 -4.64 -13.29
N GLU A 224 -26.01 -3.32 -13.39
CA GLU A 224 -25.96 -2.46 -12.23
C GLU A 224 -27.07 -1.45 -12.36
N TYR A 225 -27.66 -1.05 -11.24
CA TYR A 225 -28.72 -0.03 -11.29
C TYR A 225 -28.36 1.11 -10.38
N TYR A 226 -28.60 2.36 -10.84
CA TYR A 226 -28.27 3.54 -10.02
C TYR A 226 -29.46 3.92 -9.17
N GLY A 227 -29.19 4.35 -7.95
CA GLY A 227 -30.20 4.99 -7.14
C GLY A 227 -29.67 6.24 -6.46
N MET A 228 -30.58 7.11 -6.06
CA MET A 228 -30.21 8.19 -5.17
C MET A 228 -29.99 7.54 -3.80
N ILE A 229 -29.12 8.14 -2.99
CA ILE A 229 -28.65 7.53 -1.75
C ILE A 229 -28.96 8.45 -0.55
N PHE A 230 -29.23 7.85 0.59
CA PHE A 230 -29.65 8.58 1.81
C PHE A 230 -28.99 7.91 2.99
N PRO A 231 -28.82 8.67 4.10
CA PRO A 231 -28.43 8.02 5.33
C PRO A 231 -29.53 7.03 5.72
N LYS A 232 -29.13 6.01 6.47
CA LYS A 232 -30.01 5.01 6.94
C LYS A 232 -31.16 5.69 7.73
N ASN A 233 -32.39 5.25 7.45
CA ASN A 233 -33.63 5.73 8.13
C ASN A 233 -34.08 7.13 7.70
N SER A 234 -33.62 7.58 6.54
CA SER A 234 -33.98 8.93 6.06
C SER A 234 -35.45 9.08 5.78
N GLU A 235 -35.98 10.20 6.24
CA GLU A 235 -37.35 10.60 5.96
C GLU A 235 -37.54 11.05 4.50
N LEU A 236 -36.44 11.30 3.79
CA LEU A 236 -36.51 11.82 2.41
C LEU A 236 -36.80 10.74 1.37
N LYS A 237 -36.49 9.50 1.71
CA LYS A 237 -36.56 8.41 0.74
C LYS A 237 -37.93 8.28 0.09
N ALA A 238 -38.98 8.26 0.92
CA ALA A 238 -40.34 8.02 0.43
C ALA A 238 -40.76 9.17 -0.49
N LYS A 239 -40.39 10.39 -0.09
CA LYS A 239 -40.70 11.58 -0.88
C LYS A 239 -39.98 11.56 -2.25
N VAL A 240 -38.72 11.12 -2.25
CA VAL A 240 -37.96 11.03 -3.48
C VAL A 240 -38.52 9.93 -4.39
N ASP A 241 -38.86 8.76 -3.82
CA ASP A 241 -39.46 7.65 -4.62
C ASP A 241 -40.76 8.09 -5.32
N GLU A 242 -41.63 8.77 -4.57
CA GLU A 242 -42.87 9.33 -5.16
C GLU A 242 -42.60 10.37 -6.27
N ALA A 243 -41.68 11.30 -6.01
CA ALA A 243 -41.30 12.32 -7.01
C ALA A 243 -40.63 11.69 -8.25
N LEU A 244 -39.81 10.66 -8.04
CA LEU A 244 -39.20 9.98 -9.19
C LEU A 244 -40.28 9.36 -10.07
N LYS A 245 -41.26 8.71 -9.45
CA LYS A 245 -42.41 8.16 -10.21
C LYS A 245 -43.15 9.28 -10.94
N ASN A 246 -43.37 10.41 -10.27
CA ASN A 246 -44.02 11.60 -10.87
C ASN A 246 -43.27 12.08 -12.14
N VAL A 247 -41.94 12.18 -12.01
CA VAL A 247 -41.05 12.61 -13.10
C VAL A 247 -41.02 11.63 -14.27
N ILE A 248 -41.03 10.33 -13.95
CA ILE A 248 -41.11 9.29 -14.97
C ILE A 248 -42.49 9.35 -15.66
N ASN A 249 -43.55 9.43 -14.85
CA ASN A 249 -44.93 9.36 -15.36
C ASN A 249 -45.28 10.53 -16.25
N SER A 250 -44.73 11.71 -15.97
CA SER A 250 -45.08 12.91 -16.72
C SER A 250 -44.37 12.99 -18.08
N GLY A 251 -43.32 12.18 -18.26
CA GLY A 251 -42.49 12.18 -19.47
C GLY A 251 -41.22 13.02 -19.33
N LYS A 252 -41.05 13.66 -18.17
CA LYS A 252 -39.88 14.51 -17.90
C LYS A 252 -38.61 13.66 -17.87
N TYR A 253 -38.67 12.49 -17.25
CA TYR A 253 -37.49 11.62 -17.23
C TYR A 253 -37.01 11.37 -18.65
N THR A 254 -37.93 11.05 -19.54
CA THR A 254 -37.48 10.69 -20.88
C THR A 254 -37.00 11.89 -21.67
N GLU A 255 -37.55 13.08 -21.37
CA GLU A 255 -36.99 14.30 -21.99
C GLU A 255 -35.53 14.48 -21.57
N ILE A 256 -35.28 14.30 -20.27
CA ILE A 256 -33.91 14.48 -19.73
C ILE A 256 -33.00 13.42 -20.34
N TYR A 257 -33.49 12.20 -20.43
CA TYR A 257 -32.70 11.08 -20.95
C TYR A 257 -32.35 11.33 -22.43
N LYS A 258 -33.33 11.80 -23.20
CA LYS A 258 -33.12 12.17 -24.61
C LYS A 258 -32.08 13.27 -24.80
N LYS A 259 -32.14 14.29 -23.93
CA LYS A 259 -31.17 15.38 -23.92
C LYS A 259 -29.72 14.85 -23.78
N TRP A 260 -29.50 13.95 -22.82
CA TRP A 260 -28.14 13.44 -22.55
C TRP A 260 -27.68 12.26 -23.39
N PHE A 261 -28.62 11.42 -23.82
CA PHE A 261 -28.25 10.18 -24.51
C PHE A 261 -28.75 10.03 -25.94
N GLY A 262 -29.58 10.96 -26.38
CA GLY A 262 -30.02 11.05 -27.78
C GLY A 262 -30.84 9.91 -28.35
N LYS A 263 -31.50 9.17 -27.45
CA LYS A 263 -32.33 8.03 -27.83
C LYS A 263 -33.39 7.84 -26.77
N GLU A 264 -34.44 7.10 -27.09
CA GLU A 264 -35.51 6.81 -26.13
C GLU A 264 -34.97 5.87 -25.05
N PRO A 265 -35.36 6.10 -23.77
CA PRO A 265 -35.05 5.14 -22.72
C PRO A 265 -35.91 3.89 -22.87
N LYS A 266 -35.47 2.78 -22.31
CA LYS A 266 -36.35 1.63 -22.14
C LYS A 266 -36.76 1.63 -20.67
N LEU A 267 -37.90 2.23 -20.38
CA LEU A 267 -38.34 2.41 -19.00
C LEU A 267 -38.57 1.11 -18.22
N ASP A 268 -38.79 0.01 -18.94
CA ASP A 268 -38.92 -1.28 -18.29
C ASP A 268 -37.65 -1.72 -17.55
N ARG A 269 -36.51 -1.11 -17.87
CA ARG A 269 -35.28 -1.38 -17.09
C ARG A 269 -35.41 -0.86 -15.66
N LEU A 270 -36.39 0.02 -15.41
CA LEU A 270 -36.55 0.64 -14.08
C LEU A 270 -37.54 -0.12 -13.17
N LYS A 271 -38.03 -1.27 -13.67
CA LYS A 271 -38.97 -2.10 -12.95
C LYS A 271 -38.47 -3.51 -12.73
N GLN A 272 -37.16 -3.71 -12.74
CA GLN A 272 -36.59 -5.05 -12.58
C GLN A 272 -36.49 -5.42 -11.09
N SER B 32 27.15 -4.42 -43.41
N SER B 32 26.49 -1.98 -42.52
CA SER B 32 26.20 -3.29 -43.30
CA SER B 32 26.23 -3.29 -43.19
C SER B 32 24.81 -3.77 -42.87
N SER B 33 24.61 -5.08 -42.86
CA SER B 33 23.30 -5.67 -42.56
C SER B 33 22.71 -5.06 -41.29
N GLY B 34 21.40 -4.78 -41.33
CA GLY B 34 20.73 -4.14 -40.18
C GLY B 34 20.75 -2.61 -40.17
N GLY B 35 21.59 -2.02 -41.02
CA GLY B 35 21.67 -0.56 -41.22
C GLY B 35 21.67 -0.15 -42.69
N ASP B 36 21.92 1.13 -42.95
CA ASP B 36 21.88 1.63 -44.33
C ASP B 36 23.27 1.86 -44.96
N GLY B 37 24.31 1.25 -44.39
CA GLY B 37 25.70 1.44 -44.86
C GLY B 37 26.14 2.91 -44.90
N GLY B 38 25.42 3.76 -44.18
CA GLY B 38 25.79 5.18 -44.05
C GLY B 38 25.21 6.08 -45.13
N ALA B 39 24.08 5.67 -45.71
CA ALA B 39 23.37 6.47 -46.73
C ALA B 39 22.81 7.77 -46.17
N THR B 40 22.41 7.74 -44.90
CA THR B 40 21.98 8.94 -44.18
C THR B 40 22.52 8.89 -42.76
N LYS B 41 23.10 10.01 -42.31
CA LYS B 41 23.54 10.14 -40.92
C LYS B 41 22.26 10.22 -40.07
N LYS B 42 22.10 9.29 -39.14
CA LYS B 42 20.90 9.27 -38.31
C LYS B 42 20.93 10.47 -37.36
N LYS B 43 19.76 10.92 -36.95
CA LYS B 43 19.68 12.00 -35.98
C LYS B 43 19.76 11.43 -34.58
N VAL B 44 20.26 12.24 -33.65
CA VAL B 44 20.25 11.83 -32.24
C VAL B 44 18.79 11.79 -31.74
N VAL B 45 18.44 10.69 -31.10
CA VAL B 45 17.08 10.50 -30.59
C VAL B 45 17.11 10.95 -29.13
N VAL B 46 16.42 12.05 -28.85
CA VAL B 46 16.40 12.59 -27.48
C VAL B 46 14.98 12.38 -26.93
N GLY B 47 14.89 11.84 -25.72
CA GLY B 47 13.59 11.68 -25.05
C GLY B 47 13.36 12.62 -23.87
N THR B 48 12.07 12.86 -23.59
CA THR B 48 11.65 13.71 -22.47
C THR B 48 10.25 13.30 -22.00
N ASP B 49 9.89 13.75 -20.79
CA ASP B 49 8.53 13.61 -20.26
C ASP B 49 7.91 15.01 -20.19
N ALA B 50 7.22 15.39 -21.26
CA ALA B 50 6.75 16.80 -21.38
C ALA B 50 5.45 17.02 -20.62
N ALA B 51 5.53 16.82 -19.31
CA ALA B 51 4.43 17.10 -18.36
C ALA B 51 5.10 17.65 -17.10
N PHE B 52 5.94 18.67 -17.28
CA PHE B 52 6.83 19.13 -16.20
C PHE B 52 7.25 20.58 -16.47
N ALA B 53 6.25 21.45 -16.60
CA ALA B 53 6.46 22.90 -16.77
C ALA B 53 7.17 23.47 -15.55
N PRO B 54 8.11 24.40 -15.76
CA PRO B 54 8.53 25.04 -17.00
C PRO B 54 9.62 24.35 -17.84
N PHE B 55 10.06 23.16 -17.43
CA PHE B 55 11.16 22.48 -18.13
C PHE B 55 10.76 21.87 -19.47
N GLU B 56 9.66 21.12 -19.47
CA GLU B 56 9.13 20.59 -20.73
C GLU B 56 7.66 20.39 -20.57
N TYR B 57 6.90 20.83 -21.56
CA TYR B 57 5.46 20.68 -21.53
C TYR B 57 4.92 20.91 -22.93
N MET B 58 3.64 20.62 -23.11
CA MET B 58 3.02 20.67 -24.45
C MET B 58 2.26 21.97 -24.61
N GLN B 59 2.41 22.59 -25.77
CA GLN B 59 1.75 23.85 -26.07
C GLN B 59 1.42 23.84 -27.55
N LYS B 60 0.13 23.81 -27.87
CA LYS B 60 -0.35 23.67 -29.25
C LYS B 60 0.30 22.51 -30.00
N GLY B 61 0.47 21.39 -29.32
CA GLY B 61 1.02 20.17 -29.93
C GLY B 61 2.53 20.18 -30.11
N LYS B 62 3.20 21.18 -29.57
CA LYS B 62 4.66 21.28 -29.64
C LYS B 62 5.25 21.14 -28.24
N ILE B 63 6.43 20.53 -28.14
CA ILE B 63 7.16 20.47 -26.86
C ILE B 63 7.86 21.81 -26.65
N VAL B 64 7.58 22.44 -25.52
CA VAL B 64 8.21 23.71 -25.17
C VAL B 64 8.78 23.69 -23.75
N GLY B 65 9.62 24.67 -23.44
CA GLY B 65 10.12 24.84 -22.06
C GLY B 65 11.60 25.12 -21.98
N PHE B 66 12.10 25.32 -20.77
CA PHE B 66 13.49 25.68 -20.55
C PHE B 66 14.42 24.60 -21.09
N ASP B 67 14.12 23.33 -20.79
CA ASP B 67 14.96 22.22 -21.27
C ASP B 67 14.97 22.14 -22.80
N VAL B 68 13.84 22.49 -23.41
CA VAL B 68 13.71 22.42 -24.87
C VAL B 68 14.61 23.47 -25.51
N ASP B 69 14.59 24.69 -24.96
CA ASP B 69 15.41 25.78 -25.44
C ASP B 69 16.88 25.48 -25.22
N LEU B 70 17.18 24.91 -24.05
CA LEU B 70 18.59 24.59 -23.70
C LEU B 70 19.12 23.49 -24.60
N LEU B 71 18.32 22.43 -24.78
CA LEU B 71 18.73 21.34 -25.66
C LEU B 71 19.02 21.84 -27.09
N ASP B 72 18.17 22.73 -27.63
CA ASP B 72 18.37 23.23 -28.99
C ASP B 72 19.68 24.00 -29.13
N ALA B 73 19.99 24.84 -28.14
CA ALA B 73 21.27 25.57 -28.12
C ALA B 73 22.47 24.61 -27.95
N VAL B 74 22.36 23.64 -27.05
CA VAL B 74 23.43 22.65 -26.81
C VAL B 74 23.71 21.79 -28.06
N MET B 75 22.66 21.18 -28.61
CA MET B 75 22.83 20.34 -29.79
C MET B 75 23.39 21.12 -30.99
N LYS B 76 22.93 22.36 -31.18
CA LYS B 76 23.43 23.20 -32.27
C LYS B 76 24.91 23.53 -32.09
N ALA B 77 25.29 23.88 -30.86
CA ALA B 77 26.70 24.13 -30.52
C ALA B 77 27.54 22.84 -30.68
N ALA B 78 26.89 21.70 -30.48
CA ALA B 78 27.59 20.43 -30.65
C ALA B 78 27.63 20.02 -32.13
N GLY B 79 26.87 20.69 -32.98
CA GLY B 79 26.76 20.32 -34.41
C GLY B 79 26.08 18.96 -34.60
N LEU B 80 25.12 18.68 -33.73
CA LEU B 80 24.38 17.41 -33.74
C LEU B 80 22.92 17.61 -34.13
N ASP B 81 22.52 17.01 -35.23
CA ASP B 81 21.12 16.98 -35.62
C ASP B 81 20.39 16.03 -34.67
N TYR B 82 19.18 16.41 -34.26
CA TYR B 82 18.45 15.62 -33.28
C TYR B 82 16.93 15.68 -33.48
N GLU B 83 16.23 14.78 -32.80
CA GLU B 83 14.80 14.93 -32.69
C GLU B 83 14.44 14.76 -31.23
N LEU B 84 13.44 15.53 -30.78
CA LEU B 84 13.00 15.43 -29.39
C LEU B 84 11.62 14.75 -29.35
N LYS B 85 11.55 13.62 -28.64
CA LYS B 85 10.34 12.80 -28.47
C LYS B 85 9.74 12.93 -27.07
N ASN B 86 8.45 13.23 -27.01
CA ASN B 86 7.73 13.20 -25.74
C ASN B 86 7.29 11.76 -25.41
N ILE B 87 8.20 11.03 -24.81
CA ILE B 87 8.05 9.60 -24.66
C ILE B 87 7.53 9.17 -23.28
N GLY B 88 7.55 10.08 -22.32
CA GLY B 88 7.05 9.72 -20.99
C GLY B 88 8.21 9.35 -20.08
N TRP B 89 7.95 9.35 -18.79
CA TRP B 89 9.01 9.24 -17.77
C TRP B 89 9.61 7.84 -17.69
N ASP B 90 8.79 6.89 -17.27
CA ASP B 90 9.27 5.52 -17.15
C ASP B 90 9.75 4.96 -18.50
N PRO B 91 9.01 5.22 -19.60
CA PRO B 91 9.57 4.79 -20.89
C PRO B 91 10.91 5.44 -21.23
N LEU B 92 11.12 6.69 -20.81
CA LEU B 92 12.39 7.35 -21.09
C LEU B 92 13.52 6.51 -20.48
N PHE B 93 13.38 6.11 -19.21
CA PHE B 93 14.45 5.35 -18.58
C PHE B 93 14.63 3.95 -19.17
N ALA B 94 13.53 3.31 -19.54
CA ALA B 94 13.57 1.99 -20.16
C ALA B 94 14.31 2.09 -21.52
N SER B 95 14.00 3.15 -22.28
CA SER B 95 14.56 3.32 -23.63
C SER B 95 16.03 3.74 -23.62
N LEU B 96 16.47 4.42 -22.56
CA LEU B 96 17.89 4.68 -22.38
C LEU B 96 18.64 3.38 -22.06
N GLN B 97 18.05 2.55 -21.23
CA GLN B 97 18.66 1.26 -20.89
C GLN B 97 18.85 0.35 -22.15
N SER B 98 17.81 0.29 -22.99
CA SER B 98 17.88 -0.40 -24.29
C SER B 98 18.76 0.29 -25.38
N LYS B 99 19.08 1.56 -25.17
CA LYS B 99 19.78 2.44 -26.14
C LYS B 99 18.91 2.80 -27.37
N GLU B 100 17.61 2.48 -27.32
CA GLU B 100 16.68 2.96 -28.36
C GLU B 100 16.60 4.48 -28.39
N VAL B 101 16.75 5.10 -27.21
CA VAL B 101 16.86 6.54 -27.09
C VAL B 101 18.31 6.82 -26.72
N ASP B 102 18.92 7.82 -27.38
CA ASP B 102 20.35 8.13 -27.27
C ASP B 102 20.67 9.08 -26.12
N MET B 103 19.69 9.88 -25.75
CA MET B 103 19.93 11.01 -24.84
C MET B 103 18.60 11.38 -24.20
N GLY B 104 18.65 11.89 -22.98
CA GLY B 104 17.44 12.40 -22.33
C GLY B 104 17.71 13.78 -21.76
N ILE B 105 16.70 14.65 -21.84
CA ILE B 105 16.66 15.90 -21.00
C ILE B 105 15.23 16.04 -20.48
N SER B 106 15.07 16.16 -19.15
CA SER B 106 13.72 16.01 -18.56
C SER B 106 13.73 16.43 -17.10
N GLY B 107 14.49 17.47 -16.77
CA GLY B 107 14.57 17.94 -15.38
C GLY B 107 15.12 16.82 -14.51
N ILE B 108 16.09 16.09 -15.03
CA ILE B 108 16.57 14.86 -14.37
C ILE B 108 17.69 15.13 -13.37
N THR B 109 17.45 14.73 -12.12
CA THR B 109 18.47 14.86 -11.06
C THR B 109 19.57 13.83 -11.21
N ILE B 110 20.80 14.30 -11.10
CA ILE B 110 21.97 13.44 -11.09
C ILE B 110 21.98 12.67 -9.74
N THR B 111 21.96 11.35 -9.80
CA THR B 111 22.06 10.55 -8.56
C THR B 111 22.96 9.36 -8.76
N ASP B 112 23.53 8.86 -7.64
CA ASP B 112 24.40 7.66 -7.69
C ASP B 112 23.69 6.41 -8.15
N GLU B 113 22.45 6.21 -7.68
CA GLU B 113 21.63 5.10 -8.13
C GLU B 113 21.47 5.15 -9.64
N ARG B 114 21.24 6.34 -10.21
CA ARG B 114 21.10 6.43 -11.66
C ARG B 114 22.43 6.17 -12.42
N LYS B 115 23.55 6.51 -11.80
CA LYS B 115 24.86 6.25 -12.38
C LYS B 115 25.15 4.73 -12.54
N GLN B 116 24.37 3.89 -11.86
CA GLN B 116 24.48 2.43 -12.07
C GLN B 116 24.31 2.05 -13.55
N SER B 117 23.35 2.70 -14.22
CA SER B 117 22.97 2.38 -15.60
C SER B 117 23.18 3.51 -16.62
N TYR B 118 23.37 4.73 -16.14
CA TYR B 118 23.43 5.89 -17.04
C TYR B 118 24.63 6.74 -16.78
N ASP B 119 24.97 7.58 -17.77
CA ASP B 119 25.91 8.68 -17.55
C ASP B 119 25.21 10.01 -17.61
N PHE B 120 25.75 11.02 -16.94
CA PHE B 120 25.18 12.37 -16.96
C PHE B 120 26.13 13.39 -17.55
N SER B 121 25.56 14.42 -18.14
CA SER B 121 26.34 15.62 -18.43
C SER B 121 26.74 16.34 -17.13
N ASP B 122 27.64 17.29 -17.26
CA ASP B 122 27.88 18.28 -16.20
C ASP B 122 26.54 18.92 -15.86
N PRO B 123 26.38 19.37 -14.61
CA PRO B 123 25.09 19.93 -14.18
C PRO B 123 24.72 21.20 -14.92
N TYR B 124 23.41 21.38 -15.16
CA TYR B 124 22.90 22.58 -15.84
C TYR B 124 21.83 23.32 -15.07
N PHE B 125 21.47 22.83 -13.89
CA PHE B 125 20.40 23.45 -13.09
C PHE B 125 20.50 22.96 -11.64
N GLU B 126 20.06 23.78 -10.70
CA GLU B 126 19.98 23.33 -9.29
C GLU B 126 18.53 23.43 -8.83
N ALA B 127 18.12 22.50 -7.99
CA ALA B 127 16.73 22.39 -7.52
C ALA B 127 16.70 21.78 -6.14
N THR B 128 15.50 21.65 -5.58
CA THR B 128 15.32 20.91 -4.34
C THR B 128 13.89 20.37 -4.42
N GLN B 129 13.60 19.29 -3.70
CA GLN B 129 12.21 18.90 -3.54
C GLN B 129 11.54 19.89 -2.60
N VAL B 130 10.24 20.08 -2.80
CA VAL B 130 9.40 20.88 -1.92
C VAL B 130 8.06 20.16 -1.71
N ILE B 131 7.26 20.68 -0.77
CA ILE B 131 5.98 20.08 -0.44
C ILE B 131 4.90 21.02 -1.00
N LEU B 132 4.07 20.50 -1.89
CA LEU B 132 2.96 21.24 -2.45
C LEU B 132 1.65 20.80 -1.73
N VAL B 133 0.91 21.76 -1.18
CA VAL B 133 -0.32 21.43 -0.46
C VAL B 133 -1.41 22.43 -0.81
N LYS B 134 -2.65 22.13 -0.41
CA LYS B 134 -3.70 23.15 -0.46
C LYS B 134 -3.45 24.27 0.55
N GLN B 135 -3.86 25.49 0.24
CA GLN B 135 -3.71 26.59 1.20
C GLN B 135 -4.22 26.35 2.64
N GLY B 136 -5.24 25.53 2.82
CA GLY B 136 -5.62 25.26 4.23
C GLY B 136 -4.82 24.23 5.03
N SER B 137 -3.81 23.61 4.40
CA SER B 137 -3.09 22.48 5.01
C SER B 137 -2.36 22.84 6.32
N PRO B 138 -2.36 21.94 7.31
CA PRO B 138 -1.61 22.26 8.52
C PRO B 138 -0.10 21.95 8.40
N VAL B 139 0.33 21.37 7.28
CA VAL B 139 1.73 20.99 7.07
C VAL B 139 2.67 22.19 7.07
N LYS B 140 3.67 22.16 7.96
CA LYS B 140 4.69 23.23 8.01
C LYS B 140 6.10 22.75 7.66
N ASN B 141 6.31 21.44 7.69
CA ASN B 141 7.61 20.79 7.39
C ASN B 141 7.36 19.34 6.97
N ALA B 142 8.41 18.66 6.52
CA ALA B 142 8.30 17.28 6.07
C ALA B 142 7.80 16.32 7.14
N LEU B 143 8.20 16.53 8.40
CA LEU B 143 7.80 15.58 9.45
C LEU B 143 6.29 15.66 9.75
N ASP B 144 5.68 16.80 9.44
CA ASP B 144 4.23 16.94 9.54
C ASP B 144 3.45 16.03 8.58
N LEU B 145 4.14 15.39 7.62
CA LEU B 145 3.51 14.41 6.72
C LEU B 145 3.29 13.01 7.33
N LYS B 146 3.75 12.81 8.56
CA LYS B 146 3.54 11.55 9.28
C LYS B 146 2.04 11.21 9.29
N GLY B 147 1.73 9.99 8.87
CA GLY B 147 0.35 9.53 8.77
C GLY B 147 -0.45 10.03 7.58
N LYS B 148 0.17 10.85 6.73
CA LYS B 148 -0.57 11.47 5.63
C LYS B 148 -0.26 10.77 4.31
N THR B 149 -1.15 10.96 3.34
CA THR B 149 -0.97 10.38 2.02
C THR B 149 -0.21 11.40 1.16
N ILE B 150 0.85 10.92 0.53
CA ILE B 150 1.73 11.78 -0.25
C ILE B 150 1.74 11.31 -1.71
N GLY B 151 1.45 12.22 -2.64
CA GLY B 151 1.55 11.92 -4.08
C GLY B 151 2.91 12.28 -4.67
N VAL B 152 3.48 11.39 -5.47
CA VAL B 152 4.76 11.65 -6.14
C VAL B 152 4.68 11.11 -7.56
N GLN B 153 5.57 11.58 -8.43
CA GLN B 153 5.74 10.88 -9.71
C GLN B 153 6.61 9.64 -9.47
N ASN B 154 6.21 8.52 -10.09
CA ASN B 154 6.98 7.27 -9.94
C ASN B 154 8.48 7.43 -10.27
N ALA B 155 9.34 6.76 -9.51
CA ALA B 155 10.78 6.70 -9.81
C ALA B 155 11.39 8.10 -9.95
N THR B 156 11.08 8.97 -8.99
CA THR B 156 11.70 10.30 -8.92
C THR B 156 12.39 10.52 -7.57
N THR B 157 13.21 11.57 -7.50
CA THR B 157 13.83 11.97 -6.25
C THR B 157 12.78 12.42 -5.22
N GLY B 158 11.63 12.90 -5.69
CA GLY B 158 10.51 13.16 -4.77
C GLY B 158 10.01 11.87 -4.10
N GLN B 159 9.81 10.84 -4.91
CA GLN B 159 9.38 9.54 -4.36
C GLN B 159 10.42 9.04 -3.35
N GLU B 160 11.69 9.19 -3.69
CA GLU B 160 12.77 8.70 -2.81
C GLU B 160 12.75 9.48 -1.47
N ALA B 161 12.57 10.80 -1.58
CA ALA B 161 12.52 11.64 -0.38
C ALA B 161 11.32 11.27 0.51
N ALA B 162 10.18 10.97 -0.12
CA ALA B 162 8.96 10.61 0.59
C ALA B 162 9.17 9.32 1.38
N GLU B 163 9.78 8.32 0.73
CA GLU B 163 10.04 7.02 1.33
C GLU B 163 11.09 7.10 2.46
N LYS B 164 12.05 8.01 2.33
CA LYS B 164 13.02 8.23 3.40
C LYS B 164 12.39 8.65 4.73
N LEU B 165 11.31 9.43 4.68
CA LEU B 165 10.68 10.03 5.87
C LEU B 165 10.15 9.03 6.88
N PHE B 166 9.28 8.12 6.43
CA PHE B 166 8.61 7.17 7.31
C PHE B 166 8.63 5.76 6.69
N GLY B 167 9.43 5.60 5.63
CA GLY B 167 9.60 4.29 4.99
C GLY B 167 8.61 4.05 3.86
N LYS B 168 8.81 2.96 3.12
CA LYS B 168 7.92 2.58 2.03
C LYS B 168 6.56 2.09 2.53
N GLY B 169 5.53 2.26 1.70
CA GLY B 169 4.18 1.94 2.10
C GLY B 169 3.10 2.55 1.24
N PRO B 170 1.84 2.10 1.45
CA PRO B 170 0.68 2.54 0.69
C PRO B 170 0.38 4.02 0.84
N HIS B 171 0.91 4.66 1.89
CA HIS B 171 0.72 6.09 2.10
C HIS B 171 1.36 6.93 0.99
N ILE B 172 2.30 6.33 0.27
CA ILE B 172 2.95 6.95 -0.87
C ILE B 172 2.22 6.49 -2.14
N LYS B 173 1.58 7.46 -2.81
CA LYS B 173 0.86 7.28 -4.06
C LYS B 173 1.73 7.69 -5.25
N LYS B 174 1.92 6.76 -6.19
CA LYS B 174 2.86 6.96 -7.29
C LYS B 174 2.14 7.14 -8.62
N PHE B 175 2.48 8.20 -9.33
CA PHE B 175 1.82 8.52 -10.60
C PHE B 175 2.79 8.61 -11.75
N GLU B 176 2.31 8.34 -12.95
CA GLU B 176 3.23 8.30 -14.08
C GLU B 176 3.65 9.71 -14.50
N THR B 177 2.83 10.71 -14.19
CA THR B 177 3.22 12.12 -14.40
C THR B 177 3.05 12.93 -13.11
N THR B 178 3.87 13.98 -13.01
CA THR B 178 3.74 14.98 -11.97
C THR B 178 2.40 15.72 -12.10
N VAL B 179 1.95 15.86 -13.36
CA VAL B 179 0.64 16.49 -13.66
C VAL B 179 -0.47 15.75 -12.91
N VAL B 180 -0.47 14.41 -12.95
CA VAL B 180 -1.52 13.63 -12.29
C VAL B 180 -1.41 13.72 -10.78
N ALA B 181 -0.18 13.66 -10.27
CA ALA B 181 0.05 13.86 -8.84
C ALA B 181 -0.65 15.15 -8.37
N ILE B 182 -0.48 16.23 -9.11
CA ILE B 182 -1.09 17.51 -8.72
C ILE B 182 -2.62 17.43 -8.78
N MET B 183 -3.15 16.74 -9.78
CA MET B 183 -4.62 16.61 -9.90
CA MET B 183 -4.60 16.56 -9.91
C MET B 183 -5.17 15.87 -8.69
N GLU B 184 -4.44 14.87 -8.22
CA GLU B 184 -4.87 14.08 -7.07
C GLU B 184 -4.74 14.89 -5.74
N LEU B 185 -3.87 15.89 -5.74
CA LEU B 185 -3.83 16.86 -4.64
C LEU B 185 -5.09 17.71 -4.71
N LEU B 186 -5.41 18.18 -5.91
CA LEU B 186 -6.57 19.05 -6.10
C LEU B 186 -7.89 18.39 -5.68
N ASN B 187 -8.06 17.13 -6.03
CA ASN B 187 -9.32 16.42 -5.71
C ASN B 187 -9.35 15.75 -4.31
N GLY B 188 -8.31 15.97 -3.49
CA GLY B 188 -8.21 15.41 -2.14
C GLY B 188 -7.79 13.95 -2.02
N GLY B 189 -7.39 13.34 -3.14
CA GLY B 189 -6.84 11.98 -3.12
C GLY B 189 -5.55 11.85 -2.31
N VAL B 190 -4.76 12.92 -2.27
CA VAL B 190 -3.54 12.94 -1.46
C VAL B 190 -3.52 14.24 -0.65
N ASP B 191 -2.83 14.21 0.49
CA ASP B 191 -2.72 15.35 1.39
C ASP B 191 -1.63 16.30 0.96
N ALA B 192 -0.65 15.76 0.22
CA ALA B 192 0.47 16.58 -0.27
C ALA B 192 1.14 15.92 -1.45
N VAL B 193 1.90 16.73 -2.21
CA VAL B 193 2.76 16.26 -3.27
C VAL B 193 4.20 16.70 -2.99
N ILE B 194 5.14 15.80 -3.22
CA ILE B 194 6.55 16.18 -3.18
C ILE B 194 7.07 16.21 -4.63
N THR B 195 7.49 17.40 -5.07
CA THR B 195 8.04 17.58 -6.40
C THR B 195 9.11 18.68 -6.38
N ASP B 196 9.67 18.97 -7.55
CA ASP B 196 10.77 19.90 -7.67
C ASP B 196 10.31 21.33 -7.53
N ASN B 197 11.16 22.16 -6.91
CA ASN B 197 10.74 23.50 -6.50
C ASN B 197 10.28 24.39 -7.64
N ALA B 198 10.98 24.39 -8.78
CA ALA B 198 10.59 25.30 -9.88
C ALA B 198 9.26 24.92 -10.53
N VAL B 199 8.99 23.62 -10.53
CA VAL B 199 7.72 23.10 -11.06
C VAL B 199 6.58 23.46 -10.10
N ALA B 200 6.80 23.26 -8.80
CA ALA B 200 5.78 23.61 -7.77
C ALA B 200 5.52 25.11 -7.74
N ASN B 201 6.60 25.90 -7.77
CA ASN B 201 6.51 27.36 -7.81
C ASN B 201 5.76 27.88 -9.05
N GLU B 202 6.11 27.35 -10.24
CA GLU B 202 5.47 27.75 -11.49
C GLU B 202 3.99 27.39 -11.48
N TYR B 203 3.66 26.20 -10.95
CA TYR B 203 2.25 25.81 -10.87
C TYR B 203 1.41 26.78 -10.03
N VAL B 204 1.91 27.10 -8.83
CA VAL B 204 1.22 28.04 -7.94
C VAL B 204 1.07 29.43 -8.60
N LYS B 205 2.18 29.94 -9.14
CA LYS B 205 2.18 31.24 -9.83
C LYS B 205 1.18 31.30 -10.99
N ASN B 206 1.08 30.23 -11.76
CA ASN B 206 0.17 30.18 -12.90
C ASN B 206 -1.28 29.78 -12.60
N ASN B 207 -1.52 29.31 -11.37
CA ASN B 207 -2.86 28.83 -11.01
C ASN B 207 -3.32 29.33 -9.65
N PRO B 208 -3.46 30.66 -9.47
CA PRO B 208 -3.84 31.18 -8.18
C PRO B 208 -5.23 30.69 -7.73
N ASN B 209 -6.14 30.49 -8.69
CA ASN B 209 -7.51 30.04 -8.38
C ASN B 209 -7.57 28.63 -7.77
N LYS B 210 -6.46 27.90 -7.88
CA LYS B 210 -6.37 26.56 -7.31
C LYS B 210 -5.97 26.56 -5.83
N LYS B 211 -5.52 27.72 -5.35
CA LYS B 211 -5.31 27.97 -3.92
C LYS B 211 -4.37 26.93 -3.29
N LEU B 212 -3.23 26.73 -3.95
CA LEU B 212 -2.17 25.85 -3.45
C LEU B 212 -1.03 26.69 -2.89
N GLN B 213 -0.11 26.03 -2.19
CA GLN B 213 1.04 26.70 -1.63
C GLN B 213 2.24 25.74 -1.55
N VAL B 214 3.43 26.32 -1.54
CA VAL B 214 4.67 25.54 -1.49
C VAL B 214 5.29 25.67 -0.09
N ILE B 215 5.58 24.52 0.51
CA ILE B 215 6.25 24.46 1.80
C ILE B 215 7.67 23.96 1.56
N GLU B 216 8.65 24.80 1.84
CA GLU B 216 10.05 24.36 1.71
C GLU B 216 10.56 23.86 3.05
N ASP B 217 11.42 22.86 2.99
CA ASP B 217 12.03 22.32 4.20
C ASP B 217 13.51 22.03 3.88
N PRO B 218 14.35 23.08 3.86
CA PRO B 218 15.77 22.89 3.50
C PRO B 218 16.56 22.02 4.46
N LYS B 219 16.11 21.91 5.71
CA LYS B 219 16.73 21.00 6.67
C LYS B 219 16.52 19.54 6.27
N ASN B 220 15.34 19.25 5.71
CA ASN B 220 15.05 17.90 5.31
C ASN B 220 15.44 17.49 3.88
N PHE B 221 15.30 18.40 2.92
CA PHE B 221 15.50 18.04 1.51
C PHE B 221 16.89 18.42 0.99
N ALA B 222 17.44 17.54 0.16
CA ALA B 222 18.79 17.66 -0.41
C ALA B 222 18.91 18.66 -1.58
N SER B 223 20.10 19.24 -1.78
CA SER B 223 20.38 20.00 -3.03
C SER B 223 20.45 18.99 -4.15
N GLU B 224 19.83 19.33 -5.27
CA GLU B 224 19.72 18.45 -6.41
C GLU B 224 20.24 19.19 -7.61
N TYR B 225 20.95 18.48 -8.46
CA TYR B 225 21.43 19.12 -9.70
C TYR B 225 20.97 18.35 -10.89
N TYR B 226 20.46 19.08 -11.90
CA TYR B 226 19.98 18.42 -13.13
C TYR B 226 21.11 18.21 -14.13
N GLY B 227 21.02 17.11 -14.86
CA GLY B 227 21.93 16.85 -15.97
C GLY B 227 21.18 16.21 -17.11
N MET B 228 21.74 16.34 -18.30
CA MET B 228 21.27 15.56 -19.44
C MET B 228 21.80 14.15 -19.23
N ILE B 229 21.08 13.17 -19.74
CA ILE B 229 21.35 11.76 -19.41
C ILE B 229 21.60 10.93 -20.69
N PHE B 230 22.42 9.90 -20.58
CA PHE B 230 22.88 9.09 -21.70
C PHE B 230 22.99 7.65 -21.23
N PRO B 231 22.87 6.69 -22.16
CA PRO B 231 23.23 5.32 -21.81
C PRO B 231 24.69 5.24 -21.40
N LYS B 232 25.03 4.21 -20.63
CA LYS B 232 26.42 3.94 -20.23
C LYS B 232 27.35 3.99 -21.43
N ASN B 233 28.46 4.68 -21.22
CA ASN B 233 29.55 4.75 -22.18
C ASN B 233 29.15 5.33 -23.55
N SER B 234 28.23 6.31 -23.53
CA SER B 234 27.84 7.06 -24.74
C SER B 234 28.91 8.03 -25.25
N GLU B 235 29.09 8.05 -26.56
CA GLU B 235 30.01 9.01 -27.22
C GLU B 235 29.44 10.43 -27.44
N LEU B 236 28.19 10.65 -27.04
CA LEU B 236 27.59 11.98 -27.09
C LEU B 236 27.96 12.86 -25.91
N LYS B 237 28.23 12.23 -24.78
CA LYS B 237 28.48 12.90 -23.49
C LYS B 237 29.54 13.97 -23.56
N ALA B 238 30.72 13.62 -24.08
CA ALA B 238 31.84 14.58 -24.14
C ALA B 238 31.43 15.74 -25.01
N LYS B 239 30.78 15.45 -26.13
CA LYS B 239 30.28 16.50 -27.02
C LYS B 239 29.25 17.40 -26.35
N VAL B 240 28.35 16.81 -25.59
CA VAL B 240 27.33 17.63 -24.92
C VAL B 240 27.96 18.52 -23.84
N ASP B 241 28.96 18.00 -23.10
CA ASP B 241 29.59 18.77 -22.01
C ASP B 241 30.31 19.97 -22.60
N GLU B 242 30.95 19.76 -23.74
CA GLU B 242 31.68 20.85 -24.42
C GLU B 242 30.69 21.90 -24.95
N ALA B 243 29.59 21.42 -25.54
CA ALA B 243 28.54 22.31 -26.05
C ALA B 243 27.87 23.10 -24.91
N LEU B 244 27.62 22.43 -23.78
CA LEU B 244 27.04 23.11 -22.61
C LEU B 244 27.92 24.26 -22.11
N LYS B 245 29.22 24.00 -21.99
CA LYS B 245 30.18 25.07 -21.68
C LYS B 245 30.12 26.20 -22.72
N ASN B 246 30.13 25.85 -24.00
CA ASN B 246 30.01 26.84 -25.10
C ASN B 246 28.81 27.76 -24.89
N VAL B 247 27.66 27.14 -24.62
CA VAL B 247 26.38 27.82 -24.41
C VAL B 247 26.36 28.73 -23.16
N ILE B 248 26.95 28.26 -22.05
CA ILE B 248 27.10 29.03 -20.83
C ILE B 248 28.04 30.21 -21.08
N ASN B 249 29.19 29.93 -21.67
CA ASN B 249 30.20 30.94 -21.96
C ASN B 249 29.76 32.07 -22.90
N SER B 250 28.88 31.77 -23.84
CA SER B 250 28.46 32.76 -24.84
C SER B 250 27.39 33.73 -24.32
N GLY B 251 26.79 33.42 -23.17
CA GLY B 251 25.63 34.15 -22.64
C GLY B 251 24.27 33.54 -23.04
N LYS B 252 24.29 32.49 -23.87
CA LYS B 252 23.05 31.91 -24.37
C LYS B 252 22.25 31.24 -23.24
N TYR B 253 22.93 30.45 -22.43
CA TYR B 253 22.26 29.90 -21.22
C TYR B 253 21.54 30.99 -20.40
N THR B 254 22.23 32.09 -20.16
CA THR B 254 21.70 33.16 -19.32
C THR B 254 20.45 33.78 -19.98
N GLU B 255 20.51 33.91 -21.31
CA GLU B 255 19.35 34.35 -22.10
C GLU B 255 18.13 33.47 -21.92
N ILE B 256 18.34 32.16 -22.08
CA ILE B 256 17.26 31.19 -21.93
C ILE B 256 16.71 31.22 -20.50
N TYR B 257 17.61 31.26 -19.51
CA TYR B 257 17.21 31.23 -18.10
C TYR B 257 16.35 32.44 -17.77
N LYS B 258 16.79 33.61 -18.23
CA LYS B 258 16.05 34.85 -18.02
C LYS B 258 14.67 34.82 -18.69
N LYS B 259 14.60 34.26 -19.90
CA LYS B 259 13.33 34.10 -20.62
C LYS B 259 12.34 33.29 -19.80
N TRP B 260 12.80 32.21 -19.16
CA TRP B 260 11.94 31.31 -18.40
C TRP B 260 11.77 31.64 -16.91
N PHE B 261 12.76 32.26 -16.28
CA PHE B 261 12.68 32.53 -14.85
C PHE B 261 12.70 34.00 -14.41
N GLY B 262 12.90 34.91 -15.37
CA GLY B 262 12.80 36.36 -15.11
C GLY B 262 13.87 37.03 -14.27
N LYS B 263 14.94 36.31 -13.97
CA LYS B 263 16.04 36.79 -13.17
C LYS B 263 17.35 36.18 -13.67
N GLU B 264 18.46 36.80 -13.28
CA GLU B 264 19.77 36.28 -13.67
C GLU B 264 20.02 34.97 -12.95
N PRO B 265 20.65 34.00 -13.64
CA PRO B 265 21.07 32.77 -12.95
C PRO B 265 22.28 33.02 -12.08
N LYS B 266 22.48 32.18 -11.07
CA LYS B 266 23.76 32.22 -10.37
C LYS B 266 24.62 31.06 -10.91
N LEU B 267 25.48 31.36 -11.87
CA LEU B 267 26.18 30.28 -12.59
C LEU B 267 27.18 29.51 -11.74
N ASP B 268 27.56 30.07 -10.58
CA ASP B 268 28.48 29.38 -9.70
C ASP B 268 27.83 28.11 -9.10
N ARG B 269 26.50 28.02 -9.19
CA ARG B 269 25.79 26.79 -8.82
C ARG B 269 26.15 25.60 -9.73
N LEU B 270 26.73 25.90 -10.89
CA LEU B 270 27.02 24.86 -11.90
C LEU B 270 28.45 24.33 -11.83
N LYS B 271 29.22 24.82 -10.85
CA LYS B 271 30.61 24.40 -10.63
C LYS B 271 30.82 23.80 -9.23
N GLN B 272 29.74 23.39 -8.58
CA GLN B 272 29.83 22.83 -7.24
C GLN B 272 30.45 21.42 -7.26
N SER C 32 16.49 -48.15 -34.66
N SER C 32 16.41 -47.69 -37.17
CA SER C 32 16.24 -48.80 -35.99
CA SER C 32 16.25 -48.91 -36.32
C SER C 32 14.77 -49.22 -36.07
N SER C 33 14.48 -50.52 -36.01
CA SER C 33 13.09 -50.98 -35.85
C SER C 33 12.48 -50.41 -34.57
N GLY C 34 11.20 -50.04 -34.65
CA GLY C 34 10.48 -49.44 -33.52
C GLY C 34 10.48 -47.92 -33.50
N GLY C 35 11.25 -47.27 -34.39
CA GLY C 35 11.35 -45.81 -34.47
C GLY C 35 11.40 -45.36 -35.92
N ASP C 36 11.69 -44.07 -36.17
CA ASP C 36 11.68 -43.55 -37.54
C ASP C 36 13.08 -43.31 -38.13
N GLY C 37 14.11 -43.89 -37.50
CA GLY C 37 15.49 -43.77 -37.97
C GLY C 37 16.02 -42.34 -38.04
N GLY C 38 15.39 -41.44 -37.28
CA GLY C 38 15.77 -40.03 -37.28
C GLY C 38 15.04 -39.11 -38.25
N ALA C 39 13.96 -39.58 -38.86
CA ALA C 39 13.19 -38.77 -39.82
C ALA C 39 12.66 -37.46 -39.23
N THR C 40 12.18 -37.52 -37.99
CA THR C 40 11.66 -36.33 -37.31
C THR C 40 12.18 -36.30 -35.90
N LYS C 41 12.75 -35.16 -35.52
CA LYS C 41 13.20 -34.97 -34.14
C LYS C 41 11.94 -34.92 -33.29
N LYS C 42 11.85 -35.88 -32.39
CA LYS C 42 10.64 -36.00 -31.60
C LYS C 42 10.64 -34.91 -30.56
N LYS C 43 9.45 -34.57 -30.09
CA LYS C 43 9.28 -33.49 -29.15
C LYS C 43 9.41 -34.07 -27.76
N VAL C 44 9.93 -33.27 -26.84
CA VAL C 44 9.90 -33.64 -25.43
C VAL C 44 8.45 -33.71 -24.92
N VAL C 45 8.11 -34.80 -24.25
CA VAL C 45 6.78 -35.02 -23.74
C VAL C 45 6.81 -34.59 -22.26
N VAL C 46 6.13 -33.48 -21.97
CA VAL C 46 6.09 -32.94 -20.61
C VAL C 46 4.69 -33.14 -20.03
N GLY C 47 4.63 -33.70 -18.82
CA GLY C 47 3.35 -33.93 -18.16
C GLY C 47 3.12 -33.02 -16.97
N THR C 48 1.85 -32.90 -16.63
CA THR C 48 1.43 -32.03 -15.53
C THR C 48 0.05 -32.46 -15.04
N ASP C 49 -0.28 -32.01 -13.83
CA ASP C 49 -1.64 -32.13 -13.28
C ASP C 49 -2.28 -30.73 -13.22
N ALA C 50 -3.00 -30.36 -14.27
CA ALA C 50 -3.48 -28.95 -14.40
C ALA C 50 -4.76 -28.73 -13.57
N ALA C 51 -4.62 -28.87 -12.26
CA ALA C 51 -5.70 -28.64 -11.31
C ALA C 51 -5.05 -28.07 -10.05
N PHE C 52 -4.21 -27.05 -10.22
CA PHE C 52 -3.32 -26.58 -9.13
C PHE C 52 -3.00 -25.12 -9.39
N ALA C 53 -4.03 -24.29 -9.53
CA ALA C 53 -3.81 -22.84 -9.67
C ALA C 53 -3.05 -22.28 -8.46
N PRO C 54 -2.10 -21.33 -8.66
CA PRO C 54 -1.76 -20.68 -9.92
C PRO C 54 -0.67 -21.33 -10.79
N PHE C 55 -0.21 -22.52 -10.43
CA PHE C 55 0.94 -23.12 -11.15
C PHE C 55 0.50 -23.73 -12.48
N GLU C 56 -0.59 -24.48 -12.44
CA GLU C 56 -1.18 -25.01 -13.67
C GLU C 56 -2.65 -25.25 -13.46
N TYR C 57 -3.45 -24.76 -14.41
CA TYR C 57 -4.90 -25.00 -14.37
C TYR C 57 -5.44 -24.78 -15.79
N MET C 58 -6.72 -25.08 -15.97
CA MET C 58 -7.37 -24.98 -17.28
C MET C 58 -8.18 -23.70 -17.34
N GLN C 59 -8.01 -22.99 -18.46
CA GLN C 59 -8.77 -21.79 -18.76
C GLN C 59 -9.11 -21.86 -20.24
N LYS C 60 -10.41 -21.91 -20.51
CA LYS C 60 -10.91 -21.89 -21.88
C LYS C 60 -10.21 -22.96 -22.73
N GLY C 61 -10.08 -24.17 -22.18
CA GLY C 61 -9.50 -25.31 -22.91
C GLY C 61 -7.98 -25.39 -22.96
N LYS C 62 -7.31 -24.36 -22.45
CA LYS C 62 -5.85 -24.26 -22.52
C LYS C 62 -5.22 -24.47 -21.14
N ILE C 63 -4.02 -25.02 -21.11
CA ILE C 63 -3.32 -25.11 -19.82
C ILE C 63 -2.63 -23.75 -19.59
N VAL C 64 -2.89 -23.12 -18.45
CA VAL C 64 -2.26 -21.83 -18.12
C VAL C 64 -1.66 -21.86 -16.70
N GLY C 65 -0.75 -20.94 -16.41
CA GLY C 65 -0.25 -20.80 -15.05
C GLY C 65 1.22 -20.49 -14.99
N PHE C 66 1.72 -20.28 -13.79
CA PHE C 66 3.14 -19.97 -13.58
C PHE C 66 4.06 -21.02 -14.17
N ASP C 67 3.77 -22.30 -13.88
CA ASP C 67 4.60 -23.39 -14.42
C ASP C 67 4.57 -23.45 -15.95
N VAL C 68 3.40 -23.15 -16.52
CA VAL C 68 3.23 -23.16 -17.97
C VAL C 68 4.13 -22.10 -18.62
N ASP C 69 4.11 -20.88 -18.07
CA ASP C 69 4.91 -19.77 -18.62
C ASP C 69 6.41 -20.03 -18.42
N LEU C 70 6.77 -20.54 -17.24
CA LEU C 70 8.16 -20.84 -16.97
C LEU C 70 8.65 -21.97 -17.87
N LEU C 71 7.87 -23.04 -18.00
CA LEU C 71 8.27 -24.13 -18.87
C LEU C 71 8.52 -23.59 -20.29
N ASP C 72 7.62 -22.74 -20.80
CA ASP C 72 7.78 -22.26 -22.19
C ASP C 72 9.08 -21.47 -22.35
N ALA C 73 9.41 -20.69 -21.33
CA ALA C 73 10.65 -19.89 -21.38
C ALA C 73 11.87 -20.81 -21.26
N VAL C 74 11.79 -21.77 -20.35
CA VAL C 74 12.92 -22.70 -20.11
C VAL C 74 13.21 -23.53 -21.37
N MET C 75 12.18 -24.19 -21.90
CA MET C 75 12.35 -25.04 -23.07
C MET C 75 12.85 -24.25 -24.31
N LYS C 76 12.35 -23.02 -24.49
CA LYS C 76 12.80 -22.18 -25.60
C LYS C 76 14.28 -21.81 -25.44
N ALA C 77 14.69 -21.45 -24.21
CA ALA C 77 16.11 -21.20 -23.88
C ALA C 77 16.98 -22.44 -24.14
N ALA C 78 16.42 -23.62 -23.86
CA ALA C 78 17.12 -24.90 -24.03
C ALA C 78 17.15 -25.37 -25.49
N GLY C 79 16.36 -24.72 -26.35
CA GLY C 79 16.20 -25.13 -27.74
C GLY C 79 15.49 -26.46 -27.93
N LEU C 80 14.60 -26.78 -26.99
CA LEU C 80 13.92 -28.09 -27.00
C LEU C 80 12.44 -27.95 -27.34
N ASP C 81 12.03 -28.39 -28.53
CA ASP C 81 10.59 -28.41 -28.84
C ASP C 81 9.91 -29.42 -27.92
N TYR C 82 8.67 -29.14 -27.54
CA TYR C 82 8.01 -29.90 -26.47
C TYR C 82 6.49 -29.81 -26.61
N GLU C 83 5.81 -30.75 -25.95
CA GLU C 83 4.35 -30.75 -25.82
C GLU C 83 4.03 -30.84 -24.33
N LEU C 84 3.07 -30.05 -23.86
CA LEU C 84 2.62 -30.16 -22.47
C LEU C 84 1.26 -30.88 -22.37
N LYS C 85 1.23 -31.98 -21.62
CA LYS C 85 0.03 -32.85 -21.51
C LYS C 85 -0.56 -32.78 -20.10
N ASN C 86 -1.86 -32.48 -20.00
CA ASN C 86 -2.56 -32.57 -18.71
C ASN C 86 -2.96 -34.03 -18.44
N ILE C 87 -1.99 -34.78 -17.93
CA ILE C 87 -2.20 -36.21 -17.74
C ILE C 87 -2.63 -36.60 -16.34
N GLY C 88 -2.57 -35.65 -15.42
CA GLY C 88 -2.98 -35.92 -14.04
C GLY C 88 -1.85 -36.38 -13.14
N TRP C 89 -2.14 -36.39 -11.84
CA TRP C 89 -1.08 -36.50 -10.82
C TRP C 89 -0.46 -37.87 -10.69
N ASP C 90 -1.27 -38.87 -10.27
CA ASP C 90 -0.70 -40.22 -10.13
C ASP C 90 -0.22 -40.75 -11.49
N PRO C 91 -0.98 -40.49 -12.60
CA PRO C 91 -0.48 -40.87 -13.90
C PRO C 91 0.85 -40.22 -14.27
N LEU C 92 1.09 -38.98 -13.84
CA LEU C 92 2.36 -38.29 -14.13
C LEU C 92 3.56 -39.09 -13.57
N PHE C 93 3.49 -39.47 -12.29
CA PHE C 93 4.55 -40.25 -11.68
C PHE C 93 4.72 -41.65 -12.26
N ALA C 94 3.60 -42.31 -12.55
CA ALA C 94 3.69 -43.63 -13.20
C ALA C 94 4.39 -43.54 -14.58
N SER C 95 4.08 -42.47 -15.33
CA SER C 95 4.63 -42.29 -16.68
C SER C 95 6.08 -41.84 -16.71
N LEU C 96 6.49 -41.09 -15.69
CA LEU C 96 7.91 -40.82 -15.47
C LEU C 96 8.69 -42.12 -15.20
N GLN C 97 8.13 -43.01 -14.38
CA GLN C 97 8.83 -44.25 -14.06
C GLN C 97 9.05 -45.15 -15.29
N SER C 98 8.05 -45.18 -16.15
CA SER C 98 8.08 -46.01 -17.35
C SER C 98 8.83 -45.30 -18.49
N LYS C 99 9.07 -44.00 -18.28
CA LYS C 99 9.71 -43.10 -19.25
C LYS C 99 8.82 -42.75 -20.47
N GLU C 100 7.51 -43.08 -20.40
CA GLU C 100 6.56 -42.62 -21.42
C GLU C 100 6.43 -41.08 -21.44
N VAL C 101 6.68 -40.47 -20.28
CA VAL C 101 6.77 -39.04 -20.14
C VAL C 101 8.23 -38.70 -19.80
N ASP C 102 8.76 -37.70 -20.51
CA ASP C 102 10.18 -37.34 -20.45
C ASP C 102 10.49 -36.36 -19.34
N MET C 103 9.48 -35.60 -18.93
CA MET C 103 9.70 -34.48 -18.03
C MET C 103 8.38 -34.13 -17.38
N GLY C 104 8.41 -33.55 -16.19
CA GLY C 104 7.20 -33.05 -15.57
C GLY C 104 7.45 -31.69 -14.96
N ILE C 105 6.43 -30.84 -14.98
CA ILE C 105 6.41 -29.60 -14.17
C ILE C 105 4.99 -29.50 -13.63
N SER C 106 4.84 -29.37 -12.31
CA SER C 106 3.54 -29.61 -11.70
C SER C 106 3.54 -29.19 -10.20
N GLY C 107 4.30 -28.14 -9.88
CA GLY C 107 4.36 -27.63 -8.50
C GLY C 107 4.94 -28.75 -7.62
N ILE C 108 5.94 -29.44 -8.14
CA ILE C 108 6.43 -30.70 -7.51
C ILE C 108 7.55 -30.42 -6.52
N THR C 109 7.31 -30.75 -5.27
CA THR C 109 8.35 -30.66 -4.24
C THR C 109 9.49 -31.67 -4.40
N ILE C 110 10.72 -31.15 -4.32
CA ILE C 110 11.92 -31.97 -4.27
C ILE C 110 11.97 -32.67 -2.90
N THR C 111 12.00 -34.01 -2.89
CA THR C 111 12.18 -34.77 -1.64
C THR C 111 13.22 -35.85 -1.77
N ASP C 112 13.82 -36.22 -0.64
CA ASP C 112 14.85 -37.27 -0.64
C ASP C 112 14.29 -38.58 -1.18
N GLU C 113 13.08 -38.92 -0.75
CA GLU C 113 12.41 -40.12 -1.22
C GLU C 113 12.18 -40.09 -2.74
N ARG C 114 11.71 -38.94 -3.26
CA ARG C 114 11.54 -38.85 -4.71
C ARG C 114 12.85 -38.92 -5.49
N LYS C 115 13.92 -38.37 -4.93
CA LYS C 115 15.24 -38.38 -5.54
C LYS C 115 15.80 -39.80 -5.77
N GLN C 116 15.31 -40.77 -4.99
CA GLN C 116 15.64 -42.19 -5.23
C GLN C 116 15.15 -42.67 -6.61
N SER C 117 14.00 -42.16 -7.06
CA SER C 117 13.30 -42.68 -8.23
C SER C 117 13.41 -41.73 -9.43
N TYR C 118 13.63 -40.45 -9.14
CA TYR C 118 13.61 -39.41 -10.17
C TYR C 118 14.78 -38.47 -10.04
N ASP C 119 15.10 -37.75 -11.12
CA ASP C 119 15.99 -36.59 -11.05
C ASP C 119 15.16 -35.30 -11.02
N PHE C 120 15.72 -34.26 -10.44
CA PHE C 120 15.07 -32.93 -10.40
C PHE C 120 15.97 -31.85 -10.98
N SER C 121 15.36 -30.80 -11.52
CA SER C 121 16.09 -29.58 -11.84
C SER C 121 16.51 -28.89 -10.54
N ASP C 122 17.38 -27.90 -10.69
CA ASP C 122 17.61 -26.96 -9.64
C ASP C 122 16.26 -26.36 -9.23
N PRO C 123 16.14 -25.93 -7.97
CA PRO C 123 14.83 -25.42 -7.52
C PRO C 123 14.39 -24.13 -8.22
N TYR C 124 13.09 -23.98 -8.45
CA TYR C 124 12.59 -22.75 -9.09
C TYR C 124 11.53 -22.02 -8.28
N PHE C 125 11.19 -22.57 -7.11
CA PHE C 125 10.14 -22.01 -6.24
C PHE C 125 10.28 -22.52 -4.81
N GLU C 126 9.83 -21.71 -3.85
CA GLU C 126 9.75 -22.16 -2.45
C GLU C 126 8.28 -22.09 -2.00
N ALA C 127 7.90 -23.04 -1.16
CA ALA C 127 6.53 -23.16 -0.64
C ALA C 127 6.56 -23.80 0.74
N THR C 128 5.37 -23.95 1.32
CA THR C 128 5.19 -24.72 2.56
C THR C 128 3.78 -25.27 2.54
N GLN C 129 3.55 -26.35 3.27
CA GLN C 129 2.17 -26.79 3.49
C GLN C 129 1.48 -25.77 4.43
N VAL C 130 0.19 -25.57 4.20
CA VAL C 130 -0.65 -24.81 5.13
C VAL C 130 -1.97 -25.57 5.36
N ILE C 131 -2.76 -25.06 6.30
CA ILE C 131 -4.08 -25.64 6.60
C ILE C 131 -5.14 -24.73 6.03
N LEU C 132 -5.99 -25.27 5.17
CA LEU C 132 -7.15 -24.56 4.65
C LEU C 132 -8.42 -25.03 5.38
N VAL C 133 -9.15 -24.07 5.95
CA VAL C 133 -10.36 -24.37 6.70
C VAL C 133 -11.46 -23.36 6.42
N LYS C 134 -12.70 -23.74 6.76
CA LYS C 134 -13.79 -22.77 6.73
C LYS C 134 -13.53 -21.66 7.78
N GLN C 135 -13.89 -20.42 7.48
CA GLN C 135 -13.72 -19.30 8.41
C GLN C 135 -14.25 -19.53 9.84
N GLY C 136 -15.30 -20.32 9.99
CA GLY C 136 -15.79 -20.58 11.38
C GLY C 136 -14.98 -21.61 12.17
N SER C 137 -13.97 -22.19 11.53
CA SER C 137 -13.21 -23.30 12.13
C SER C 137 -12.45 -22.92 13.41
N PRO C 138 -12.51 -23.79 14.44
CA PRO C 138 -11.74 -23.48 15.67
C PRO C 138 -10.24 -23.79 15.57
N VAL C 139 -9.83 -24.39 14.45
CA VAL C 139 -8.42 -24.75 14.22
C VAL C 139 -7.51 -23.52 14.20
N LYS C 140 -6.47 -23.55 15.04
CA LYS C 140 -5.45 -22.50 15.06
C LYS C 140 -4.04 -23.00 14.71
N ASN C 141 -3.83 -24.31 14.75
CA ASN C 141 -2.54 -24.94 14.43
C ASN C 141 -2.73 -26.39 13.98
N ALA C 142 -1.65 -27.05 13.54
CA ALA C 142 -1.74 -28.45 13.09
C ALA C 142 -2.28 -29.38 14.15
N LEU C 143 -1.90 -29.15 15.41
CA LEU C 143 -2.27 -30.09 16.47
C LEU C 143 -3.76 -30.06 16.78
N ASP C 144 -4.43 -28.95 16.45
CA ASP C 144 -5.88 -28.83 16.57
C ASP C 144 -6.66 -29.78 15.63
N LEU C 145 -5.96 -30.41 14.69
CA LEU C 145 -6.53 -31.39 13.77
C LEU C 145 -6.53 -32.81 14.33
N LYS C 146 -6.09 -32.99 15.58
CA LYS C 146 -6.22 -34.31 16.24
C LYS C 146 -7.67 -34.77 16.19
N GLY C 147 -7.86 -36.02 15.76
CA GLY C 147 -9.20 -36.61 15.57
C GLY C 147 -10.11 -35.99 14.51
N LYS C 148 -9.61 -35.03 13.74
CA LYS C 148 -10.42 -34.41 12.69
C LYS C 148 -10.12 -35.08 11.37
N THR C 149 -10.99 -34.87 10.40
CA THR C 149 -10.85 -35.47 9.07
C THR C 149 -10.12 -34.47 8.18
N ILE C 150 -9.10 -34.93 7.46
CA ILE C 150 -8.27 -33.99 6.72
C ILE C 150 -8.22 -34.44 5.28
N GLY C 151 -8.51 -33.54 4.34
CA GLY C 151 -8.45 -33.90 2.92
C GLY C 151 -7.10 -33.50 2.34
N VAL C 152 -6.50 -34.38 1.54
CA VAL C 152 -5.22 -34.12 0.89
C VAL C 152 -5.30 -34.68 -0.52
N GLN C 153 -4.37 -34.26 -1.37
CA GLN C 153 -4.22 -34.91 -2.68
C GLN C 153 -3.34 -36.13 -2.46
N ASN C 154 -3.74 -37.24 -3.07
CA ASN C 154 -2.96 -38.49 -2.94
C ASN C 154 -1.48 -38.26 -3.28
N ALA C 155 -0.57 -38.88 -2.52
CA ALA C 155 0.84 -38.90 -2.89
C ALA C 155 1.42 -37.49 -3.06
N THR C 156 1.11 -36.64 -2.09
CA THR C 156 1.71 -35.30 -2.01
C THR C 156 2.41 -35.11 -0.67
N THR C 157 3.25 -34.09 -0.61
CA THR C 157 3.85 -33.66 0.65
C THR C 157 2.83 -33.25 1.72
N GLY C 158 1.69 -32.73 1.27
CA GLY C 158 0.56 -32.50 2.17
C GLY C 158 0.07 -33.81 2.82
N GLN C 159 -0.14 -34.85 2.02
CA GLN C 159 -0.53 -36.15 2.57
C GLN C 159 0.52 -36.64 3.57
N GLU C 160 1.77 -36.50 3.17
CA GLU C 160 2.90 -36.93 3.99
C GLU C 160 2.93 -36.19 5.33
N ALA C 161 2.77 -34.86 5.28
CA ALA C 161 2.72 -33.99 6.48
C ALA C 161 1.58 -34.44 7.38
N ALA C 162 0.42 -34.66 6.77
CA ALA C 162 -0.75 -35.12 7.52
C ALA C 162 -0.50 -36.46 8.23
N GLU C 163 0.13 -37.40 7.52
CA GLU C 163 0.43 -38.71 8.12
C GLU C 163 1.51 -38.67 9.20
N LYS C 164 2.52 -37.81 9.01
CA LYS C 164 3.59 -37.60 10.01
C LYS C 164 3.03 -37.13 11.35
N LEU C 165 2.04 -36.26 11.28
CA LEU C 165 1.49 -35.61 12.46
C LEU C 165 0.46 -36.45 13.17
N PHE C 166 -0.35 -37.17 12.40
CA PHE C 166 -1.53 -37.85 12.93
C PHE C 166 -1.47 -39.38 12.70
N GLY C 167 -0.41 -39.85 12.06
CA GLY C 167 -0.32 -41.25 11.69
C GLY C 167 -1.24 -41.56 10.52
N LYS C 168 -1.00 -42.69 9.87
CA LYS C 168 -1.82 -43.12 8.75
C LYS C 168 -3.15 -43.62 9.27
N GLY C 169 -4.20 -43.36 8.51
CA GLY C 169 -5.52 -43.85 8.87
C GLY C 169 -6.59 -43.29 7.97
N PRO C 170 -7.83 -43.77 8.16
CA PRO C 170 -9.01 -43.34 7.43
C PRO C 170 -9.36 -41.88 7.59
N HIS C 171 -8.94 -41.26 8.70
CA HIS C 171 -9.17 -39.85 8.96
C HIS C 171 -8.47 -38.94 7.93
N ILE C 172 -7.51 -39.51 7.20
CA ILE C 172 -6.88 -38.78 6.12
C ILE C 172 -7.55 -39.21 4.82
N LYS C 173 -8.25 -38.28 4.18
CA LYS C 173 -9.01 -38.55 2.96
C LYS C 173 -8.18 -38.11 1.76
N LYS C 174 -7.95 -39.01 0.79
CA LYS C 174 -6.99 -38.79 -0.31
C LYS C 174 -7.62 -38.75 -1.69
N PHE C 175 -7.52 -37.59 -2.34
CA PHE C 175 -8.21 -37.33 -3.60
C PHE C 175 -7.24 -37.23 -4.76
N GLU C 176 -7.70 -37.55 -5.96
CA GLU C 176 -6.84 -37.50 -7.13
C GLU C 176 -6.45 -36.06 -7.56
N THR C 177 -7.26 -35.07 -7.21
CA THR C 177 -6.87 -33.64 -7.38
C THR C 177 -7.01 -32.85 -6.08
N THR C 178 -6.20 -31.80 -5.95
CA THR C 178 -6.36 -30.83 -4.87
C THR C 178 -7.73 -30.10 -4.98
N VAL C 179 -8.18 -29.91 -6.22
CA VAL C 179 -9.50 -29.31 -6.53
C VAL C 179 -10.62 -30.06 -5.81
N VAL C 180 -10.60 -31.39 -5.89
CA VAL C 180 -11.61 -32.22 -5.21
C VAL C 180 -11.43 -32.15 -3.69
N ALA C 181 -10.20 -32.09 -3.22
CA ALA C 181 -9.99 -31.95 -1.77
C ALA C 181 -10.71 -30.71 -1.24
N ILE C 182 -10.51 -29.58 -1.92
CA ILE C 182 -11.14 -28.32 -1.53
C ILE C 182 -12.67 -28.44 -1.60
N MET C 183 -13.18 -29.11 -2.63
CA MET C 183 -14.63 -29.28 -2.76
CA MET C 183 -14.63 -29.31 -2.77
C MET C 183 -15.19 -30.03 -1.55
N GLU C 184 -14.42 -31.00 -1.04
CA GLU C 184 -14.87 -31.79 0.12
C GLU C 184 -14.75 -30.99 1.43
N LEU C 185 -13.84 -30.02 1.45
CA LEU C 185 -13.86 -28.98 2.48
C LEU C 185 -15.17 -28.16 2.40
N LEU C 186 -15.48 -27.62 1.22
CA LEU C 186 -16.65 -26.73 1.08
C LEU C 186 -17.96 -27.40 1.48
N ASN C 187 -18.08 -28.69 1.18
CA ASN C 187 -19.32 -29.41 1.51
C ASN C 187 -19.38 -30.08 2.88
N GLY C 188 -18.35 -29.90 3.71
CA GLY C 188 -18.30 -30.51 5.04
C GLY C 188 -17.79 -31.94 5.13
N GLY C 189 -17.35 -32.49 3.99
CA GLY C 189 -16.81 -33.84 3.93
C GLY C 189 -15.51 -34.02 4.69
N VAL C 190 -14.71 -32.95 4.77
CA VAL C 190 -13.54 -32.92 5.61
C VAL C 190 -13.54 -31.63 6.47
N ASP C 191 -12.83 -31.68 7.59
CA ASP C 191 -12.70 -30.53 8.52
C ASP C 191 -11.62 -29.52 8.10
N ALA C 192 -10.66 -30.00 7.32
CA ALA C 192 -9.54 -29.15 6.86
C ALA C 192 -8.90 -29.78 5.62
N VAL C 193 -8.16 -28.96 4.86
CA VAL C 193 -7.31 -29.45 3.75
C VAL C 193 -5.87 -29.01 4.01
N ILE C 194 -4.90 -29.88 3.74
CA ILE C 194 -3.47 -29.51 3.81
C ILE C 194 -2.96 -29.52 2.39
N THR C 195 -2.53 -28.33 1.93
CA THR C 195 -2.02 -28.15 0.57
C THR C 195 -0.99 -27.02 0.55
N ASP C 196 -0.38 -26.78 -0.59
CA ASP C 196 0.71 -25.80 -0.72
C ASP C 196 0.25 -24.34 -0.52
N ASN C 197 1.10 -23.53 0.09
CA ASN C 197 0.68 -22.19 0.52
C ASN C 197 0.18 -21.28 -0.61
N ALA C 198 0.87 -21.26 -1.74
CA ALA C 198 0.44 -20.43 -2.85
C ALA C 198 -0.90 -20.86 -3.47
N VAL C 199 -1.18 -22.16 -3.43
CA VAL C 199 -2.43 -22.68 -3.94
C VAL C 199 -3.57 -22.35 -2.99
N ALA C 200 -3.35 -22.54 -1.69
CA ALA C 200 -4.36 -22.17 -0.69
C ALA C 200 -4.63 -20.68 -0.71
N ASN C 201 -3.55 -19.87 -0.76
CA ASN C 201 -3.69 -18.41 -0.79
C ASN C 201 -4.40 -17.91 -2.01
N GLU C 202 -4.09 -18.49 -3.18
CA GLU C 202 -4.72 -18.13 -4.44
C GLU C 202 -6.21 -18.45 -4.39
N TYR C 203 -6.55 -19.60 -3.80
CA TYR C 203 -7.95 -19.99 -3.77
C TYR C 203 -8.75 -19.00 -2.91
N VAL C 204 -8.22 -18.69 -1.73
CA VAL C 204 -8.87 -17.73 -0.82
C VAL C 204 -9.01 -16.34 -1.48
N LYS C 205 -7.95 -15.87 -2.13
CA LYS C 205 -7.92 -14.54 -2.78
C LYS C 205 -8.94 -14.45 -3.90
N ASN C 206 -9.08 -15.53 -4.66
CA ASN C 206 -10.03 -15.60 -5.76
C ASN C 206 -11.50 -15.93 -5.42
N ASN C 207 -11.74 -16.38 -4.20
CA ASN C 207 -13.05 -16.90 -3.79
C ASN C 207 -13.46 -16.41 -2.40
N PRO C 208 -13.57 -15.08 -2.21
CA PRO C 208 -14.02 -14.58 -0.92
C PRO C 208 -15.41 -15.13 -0.51
N ASN C 209 -16.28 -15.37 -1.47
CA ASN C 209 -17.67 -15.80 -1.17
C ASN C 209 -17.74 -17.19 -0.53
N LYS C 210 -16.65 -17.94 -0.63
CA LYS C 210 -16.57 -19.27 -0.05
C LYS C 210 -16.16 -19.23 1.42
N LYS C 211 -15.73 -18.05 1.88
CA LYS C 211 -15.47 -17.80 3.30
C LYS C 211 -14.52 -18.86 3.87
N LEU C 212 -13.38 -18.99 3.22
CA LEU C 212 -12.33 -19.90 3.69
C LEU C 212 -11.19 -19.08 4.29
N GLN C 213 -10.30 -19.75 5.02
CA GLN C 213 -9.12 -19.09 5.54
C GLN C 213 -7.91 -20.02 5.58
N VAL C 214 -6.74 -19.42 5.44
CA VAL C 214 -5.48 -20.15 5.54
C VAL C 214 -4.89 -20.01 6.96
N ILE C 215 -4.58 -21.16 7.57
CA ILE C 215 -3.88 -21.22 8.85
C ILE C 215 -2.45 -21.69 8.57
N GLU C 216 -1.47 -20.85 8.86
CA GLU C 216 -0.07 -21.22 8.69
C GLU C 216 0.49 -21.71 10.00
N ASP C 217 1.34 -22.73 9.93
CA ASP C 217 1.94 -23.32 11.15
C ASP C 217 3.42 -23.61 10.83
N PRO C 218 4.26 -22.57 10.83
CA PRO C 218 5.68 -22.69 10.50
C PRO C 218 6.46 -23.59 11.48
N LYS C 219 5.95 -23.79 12.69
CA LYS C 219 6.60 -24.72 13.62
C LYS C 219 6.46 -26.14 13.15
N ASN C 220 5.32 -26.42 12.54
CA ASN C 220 4.99 -27.77 12.17
C ASN C 220 5.38 -28.16 10.75
N PHE C 221 5.22 -27.24 9.80
CA PHE C 221 5.42 -27.58 8.39
C PHE C 221 6.75 -27.07 7.89
N ALA C 222 7.45 -27.90 7.10
CA ALA C 222 8.80 -27.58 6.64
C ALA C 222 8.84 -26.73 5.35
N SER C 223 9.98 -26.10 5.10
CA SER C 223 10.21 -25.44 3.81
C SER C 223 10.30 -26.50 2.71
N GLU C 224 9.70 -26.16 1.57
CA GLU C 224 9.65 -27.02 0.39
C GLU C 224 10.14 -26.25 -0.82
N TYR C 225 10.85 -26.95 -1.72
CA TYR C 225 11.34 -26.30 -2.95
C TYR C 225 10.84 -27.09 -4.13
N TYR C 226 10.27 -26.39 -5.14
CA TYR C 226 9.79 -27.06 -6.37
C TYR C 226 10.92 -27.25 -7.38
N GLY C 227 10.89 -28.38 -8.06
CA GLY C 227 11.76 -28.61 -9.19
C GLY C 227 10.98 -29.20 -10.34
N MET C 228 11.54 -29.06 -11.54
CA MET C 228 11.06 -29.79 -12.68
C MET C 228 11.60 -31.21 -12.46
N ILE C 229 10.89 -32.20 -12.95
CA ILE C 229 11.18 -33.60 -12.63
C ILE C 229 11.47 -34.39 -13.92
N PHE C 230 12.30 -35.43 -13.80
CA PHE C 230 12.77 -36.25 -14.94
C PHE C 230 12.85 -37.70 -14.48
N PRO C 231 12.72 -38.65 -15.42
CA PRO C 231 13.12 -40.02 -15.16
C PRO C 231 14.59 -40.03 -14.72
N LYS C 232 14.93 -40.97 -13.88
CA LYS C 232 16.27 -41.13 -13.36
C LYS C 232 17.25 -41.21 -14.55
N ASN C 233 18.33 -40.43 -14.45
CA ASN C 233 19.42 -40.39 -15.43
C ASN C 233 19.06 -39.72 -16.77
N SER C 234 17.98 -38.96 -16.80
CA SER C 234 17.58 -38.24 -18.02
C SER C 234 18.66 -37.27 -18.51
N GLU C 235 18.91 -37.26 -19.81
CA GLU C 235 19.89 -36.30 -20.39
C GLU C 235 19.33 -34.88 -20.42
N LEU C 236 18.03 -34.73 -20.14
CA LEU C 236 17.38 -33.42 -20.20
C LEU C 236 17.73 -32.51 -19.02
N LYS C 237 18.09 -33.10 -17.88
CA LYS C 237 18.29 -32.32 -16.65
C LYS C 237 19.33 -31.21 -16.84
N ALA C 238 20.49 -31.56 -17.42
CA ALA C 238 21.57 -30.55 -17.63
C ALA C 238 21.08 -29.41 -18.48
N LYS C 239 20.39 -29.74 -19.57
CA LYS C 239 19.91 -28.71 -20.49
C LYS C 239 18.88 -27.79 -19.84
N VAL C 240 17.97 -28.36 -19.06
CA VAL C 240 16.97 -27.58 -18.31
C VAL C 240 17.63 -26.70 -17.22
N ASP C 241 18.59 -27.26 -16.47
CA ASP C 241 19.30 -26.47 -15.44
C ASP C 241 19.96 -25.22 -16.04
N GLU C 242 20.66 -25.42 -17.17
CA GLU C 242 21.30 -24.30 -17.84
C GLU C 242 20.27 -23.27 -18.36
N ALA C 243 19.19 -23.76 -18.99
CA ALA C 243 18.06 -22.93 -19.47
C ALA C 243 17.41 -22.15 -18.33
N LEU C 244 17.18 -22.81 -17.19
CA LEU C 244 16.60 -22.14 -16.01
C LEU C 244 17.48 -20.97 -15.53
N LYS C 245 18.79 -21.21 -15.47
CA LYS C 245 19.76 -20.15 -15.17
C LYS C 245 19.67 -19.01 -16.19
N ASN C 246 19.56 -19.35 -17.49
CA ASN C 246 19.37 -18.34 -18.56
C ASN C 246 18.15 -17.44 -18.33
N VAL C 247 17.03 -18.06 -17.97
CA VAL C 247 15.74 -17.36 -17.80
C VAL C 247 15.75 -16.50 -16.53
N ILE C 248 16.46 -16.98 -15.50
CA ILE C 248 16.61 -16.23 -14.27
C ILE C 248 17.52 -15.03 -14.56
N ASN C 249 18.64 -15.27 -15.24
CA ASN C 249 19.64 -14.22 -15.51
C ASN C 249 19.12 -13.08 -16.39
N SER C 250 18.29 -13.39 -17.39
CA SER C 250 17.77 -12.35 -18.32
C SER C 250 16.68 -11.48 -17.72
N GLY C 251 16.19 -11.86 -16.55
CA GLY C 251 15.01 -11.22 -15.95
C GLY C 251 13.65 -11.82 -16.35
N LYS C 252 13.64 -12.81 -17.22
CA LYS C 252 12.39 -13.44 -17.67
C LYS C 252 11.68 -14.14 -16.50
N TYR C 253 12.43 -14.89 -15.68
CA TYR C 253 11.83 -15.51 -14.48
C TYR C 253 11.07 -14.46 -13.69
N THR C 254 11.72 -13.33 -13.45
CA THR C 254 11.11 -12.25 -12.63
C THR C 254 9.84 -11.70 -13.27
N GLU C 255 9.84 -11.58 -14.59
CA GLU C 255 8.68 -11.10 -15.32
C GLU C 255 7.48 -12.06 -15.13
N ILE C 256 7.74 -13.36 -15.33
CA ILE C 256 6.72 -14.41 -15.11
C ILE C 256 6.22 -14.41 -13.64
N TYR C 257 7.14 -14.35 -12.68
CA TYR C 257 6.80 -14.32 -11.27
C TYR C 257 5.89 -13.13 -10.93
N LYS C 258 6.24 -11.95 -11.42
CA LYS C 258 5.40 -10.75 -11.21
C LYS C 258 3.99 -10.90 -11.80
N LYS C 259 3.89 -11.51 -12.97
CA LYS C 259 2.58 -11.78 -13.59
C LYS C 259 1.64 -12.56 -12.66
N TRP C 260 2.17 -13.63 -12.05
CA TRP C 260 1.37 -14.56 -11.27
C TRP C 260 1.27 -14.20 -9.80
N PHE C 261 2.26 -13.48 -9.27
CA PHE C 261 2.30 -13.20 -7.84
C PHE C 261 2.30 -11.75 -7.46
N GLY C 262 2.51 -10.85 -8.42
CA GLY C 262 2.38 -9.39 -8.23
C GLY C 262 3.36 -8.72 -7.28
N LYS C 263 4.52 -9.35 -7.07
CA LYS C 263 5.57 -8.80 -6.24
C LYS C 263 6.91 -9.34 -6.73
N GLU C 264 8.01 -8.70 -6.33
CA GLU C 264 9.33 -9.16 -6.73
C GLU C 264 9.66 -10.51 -6.09
N PRO C 265 10.31 -11.41 -6.83
CA PRO C 265 10.78 -12.62 -6.18
C PRO C 265 11.95 -12.34 -5.26
N LYS C 266 12.23 -13.22 -4.32
CA LYS C 266 13.52 -13.18 -3.60
C LYS C 266 14.35 -14.34 -4.12
N LEU C 267 15.18 -14.05 -5.13
CA LEU C 267 15.92 -15.06 -5.88
C LEU C 267 16.92 -15.84 -5.03
N ASP C 268 17.31 -15.27 -3.90
CA ASP C 268 18.18 -16.00 -2.96
C ASP C 268 17.57 -17.27 -2.38
N ARG C 269 16.25 -17.40 -2.46
CA ARG C 269 15.57 -18.65 -2.07
C ARG C 269 15.91 -19.82 -3.00
N LEU C 270 16.43 -19.50 -4.17
CA LEU C 270 16.73 -20.49 -5.21
C LEU C 270 18.16 -20.99 -5.13
N LYS C 271 18.92 -20.46 -4.16
CA LYS C 271 20.35 -20.79 -3.95
C LYS C 271 20.60 -21.40 -2.57
N GLN C 272 19.56 -21.93 -1.94
CA GLN C 272 19.71 -22.53 -0.61
C GLN C 272 20.29 -23.93 -0.72
N SER D 32 -6.67 21.78 64.57
N SER D 32 -6.91 22.76 62.01
CA SER D 32 -6.26 22.24 63.22
CA SER D 32 -6.24 22.08 63.16
C SER D 32 -4.74 22.33 63.07
N SER D 33 -4.04 22.21 64.21
CA SER D 33 -2.57 22.39 64.22
C SER D 33 -1.89 21.62 63.08
N GLY D 34 -0.95 22.27 62.40
CA GLY D 34 -0.23 21.63 61.29
C GLY D 34 -0.86 21.77 59.91
N GLY D 35 -2.10 22.28 59.85
CA GLY D 35 -2.80 22.59 58.60
C GLY D 35 -3.43 23.98 58.63
N ASP D 36 -4.28 24.28 57.64
CA ASP D 36 -4.87 25.62 57.54
C ASP D 36 -6.34 25.68 57.97
N GLY D 37 -6.80 24.61 58.63
CA GLY D 37 -8.18 24.51 59.13
C GLY D 37 -9.21 24.53 58.01
N GLY D 38 -8.78 24.15 56.81
CA GLY D 38 -9.69 24.14 55.66
C GLY D 38 -9.77 25.44 54.87
N ALA D 39 -8.85 26.37 55.13
CA ALA D 39 -8.83 27.68 54.44
C ALA D 39 -8.78 27.59 52.91
N THR D 40 -7.98 26.64 52.40
CA THR D 40 -7.88 26.40 50.95
C THR D 40 -7.82 24.91 50.72
N LYS D 41 -8.63 24.40 49.80
CA LYS D 41 -8.53 22.99 49.43
C LYS D 41 -7.19 22.79 48.71
N LYS D 42 -6.41 21.84 49.22
CA LYS D 42 -5.09 21.58 48.69
C LYS D 42 -5.24 20.82 47.37
N LYS D 43 -4.24 20.95 46.52
CA LYS D 43 -4.25 20.32 45.22
C LYS D 43 -3.66 18.94 45.38
N VAL D 44 -4.12 18.01 44.54
CA VAL D 44 -3.55 16.68 44.52
C VAL D 44 -2.12 16.78 43.99
N VAL D 45 -1.17 16.15 44.70
CA VAL D 45 0.23 16.18 44.26
C VAL D 45 0.52 14.91 43.44
N VAL D 46 0.73 15.07 42.14
CA VAL D 46 1.05 13.95 41.25
C VAL D 46 2.52 13.97 40.84
N GLY D 47 3.17 12.80 40.94
CA GLY D 47 4.59 12.69 40.61
C GLY D 47 4.82 11.82 39.39
N THR D 48 5.94 12.06 38.72
CA THR D 48 6.30 11.37 37.48
C THR D 48 7.82 11.43 37.29
N ASP D 49 8.32 10.53 36.44
CA ASP D 49 9.72 10.59 36.02
C ASP D 49 9.72 10.99 34.54
N ALA D 50 9.83 12.28 34.27
CA ALA D 50 9.63 12.82 32.91
C ALA D 50 10.89 12.65 32.04
N ALA D 51 11.28 11.41 31.84
CA ALA D 51 12.41 11.04 30.97
C ALA D 51 12.07 9.72 30.29
N PHE D 52 10.89 9.67 29.64
CA PHE D 52 10.27 8.40 29.21
C PHE D 52 9.30 8.74 28.09
N ALA D 53 9.79 9.40 27.04
CA ALA D 53 8.96 9.69 25.87
C ALA D 53 8.49 8.37 25.22
N PRO D 54 7.22 8.31 24.76
CA PRO D 54 6.24 9.39 24.62
C PRO D 54 5.29 9.58 25.82
N PHE D 55 5.52 8.89 26.94
CA PHE D 55 4.58 8.96 28.07
C PHE D 55 4.72 10.23 28.90
N GLU D 56 5.96 10.52 29.28
CA GLU D 56 6.28 11.81 29.92
C GLU D 56 7.70 12.22 29.59
N TYR D 57 7.85 13.48 29.19
CA TYR D 57 9.19 14.03 28.89
C TYR D 57 9.15 15.53 28.90
N MET D 58 10.35 16.13 28.82
CA MET D 58 10.46 17.58 28.93
C MET D 58 10.57 18.19 27.55
N GLN D 59 9.82 19.28 27.34
CA GLN D 59 9.89 20.05 26.12
C GLN D 59 9.70 21.51 26.48
N LYS D 60 10.71 22.32 26.16
CA LYS D 60 10.71 23.76 26.43
C LYS D 60 10.29 24.04 27.89
N GLY D 61 10.84 23.23 28.81
CA GLY D 61 10.63 23.43 30.26
C GLY D 61 9.30 22.93 30.80
N LYS D 62 8.49 22.31 29.95
CA LYS D 62 7.18 21.78 30.36
C LYS D 62 7.14 20.27 30.22
N ILE D 63 6.37 19.64 31.09
CA ILE D 63 6.18 18.18 31.04
C ILE D 63 5.09 17.91 30.02
N VAL D 64 5.39 17.05 29.05
CA VAL D 64 4.47 16.67 27.97
C VAL D 64 4.44 15.15 27.78
N GLY D 65 3.41 14.65 27.10
CA GLY D 65 3.35 13.23 26.77
C GLY D 65 1.96 12.63 26.90
N PHE D 66 1.86 11.35 26.59
CA PHE D 66 0.59 10.63 26.66
C PHE D 66 0.05 10.64 28.11
N ASP D 67 0.90 10.30 29.08
CA ASP D 67 0.46 10.27 30.48
C ASP D 67 -0.01 11.66 30.92
N VAL D 68 0.67 12.70 30.42
CA VAL D 68 0.32 14.08 30.79
C VAL D 68 -1.08 14.43 30.31
N ASP D 69 -1.36 14.09 29.06
CA ASP D 69 -2.63 14.38 28.44
C ASP D 69 -3.72 13.59 29.14
N LEU D 70 -3.45 12.31 29.42
CA LEU D 70 -4.44 11.44 30.03
C LEU D 70 -4.72 11.90 31.44
N LEU D 71 -3.66 12.20 32.20
CA LEU D 71 -3.83 12.70 33.57
C LEU D 71 -4.72 13.95 33.62
N ASP D 72 -4.50 14.89 32.71
CA ASP D 72 -5.30 16.12 32.67
C ASP D 72 -6.78 15.80 32.39
N ALA D 73 -7.03 14.94 31.42
CA ALA D 73 -8.40 14.51 31.12
C ALA D 73 -9.05 13.83 32.34
N VAL D 74 -8.31 12.90 32.95
CA VAL D 74 -8.80 12.17 34.11
C VAL D 74 -9.10 13.09 35.31
N MET D 75 -8.14 13.91 35.70
CA MET D 75 -8.34 14.77 36.87
C MET D 75 -9.44 15.79 36.66
N LYS D 76 -9.59 16.30 35.43
CA LYS D 76 -10.69 17.23 35.08
C LYS D 76 -12.06 16.56 35.20
N ALA D 77 -12.15 15.33 34.69
CA ALA D 77 -13.35 14.48 34.81
C ALA D 77 -13.66 14.15 36.26
N ALA D 78 -12.61 14.00 37.08
CA ALA D 78 -12.76 13.74 38.49
C ALA D 78 -13.10 15.00 39.29
N GLY D 79 -12.99 16.16 38.64
CA GLY D 79 -13.14 17.48 39.30
C GLY D 79 -12.10 17.78 40.35
N LEU D 80 -10.88 17.30 40.13
CA LEU D 80 -9.79 17.37 41.14
C LEU D 80 -8.63 18.24 40.65
N ASP D 81 -8.41 19.37 41.32
CA ASP D 81 -7.28 20.22 40.95
C ASP D 81 -5.99 19.50 41.38
N TYR D 82 -4.94 19.69 40.60
CA TYR D 82 -3.70 18.93 40.79
C TYR D 82 -2.48 19.71 40.29
N GLU D 83 -1.32 19.20 40.69
CA GLU D 83 -0.03 19.68 40.27
C GLU D 83 0.75 18.44 39.84
N LEU D 84 1.47 18.54 38.73
CA LEU D 84 2.31 17.43 38.29
C LEU D 84 3.78 17.82 38.48
N LYS D 85 4.49 17.00 39.24
CA LYS D 85 5.89 17.24 39.56
C LYS D 85 6.79 16.23 38.86
N ASN D 86 7.83 16.72 38.18
CA ASN D 86 8.88 15.85 37.68
C ASN D 86 9.91 15.51 38.80
N ILE D 87 9.58 14.51 39.59
CA ILE D 87 10.33 14.17 40.80
C ILE D 87 11.37 13.05 40.58
N GLY D 88 11.26 12.34 39.46
CA GLY D 88 12.22 11.28 39.13
C GLY D 88 11.69 9.93 39.62
N TRP D 89 12.35 8.85 39.22
CA TRP D 89 11.78 7.51 39.34
C TRP D 89 11.87 6.96 40.76
N ASP D 90 13.08 6.74 41.24
CA ASP D 90 13.23 6.26 42.62
C ASP D 90 12.61 7.22 43.66
N PRO D 91 12.82 8.54 43.51
CA PRO D 91 12.09 9.43 44.42
C PRO D 91 10.56 9.33 44.36
N LEU D 92 9.98 9.06 43.19
CA LEU D 92 8.53 8.87 43.09
C LEU D 92 8.07 7.74 44.00
N PHE D 93 8.74 6.60 43.93
CA PHE D 93 8.35 5.50 44.79
C PHE D 93 8.53 5.78 46.29
N ALA D 94 9.61 6.47 46.64
CA ALA D 94 9.89 6.81 48.05
C ALA D 94 8.81 7.79 48.55
N SER D 95 8.43 8.71 47.68
CA SER D 95 7.42 9.71 48.04
C SER D 95 5.98 9.19 48.14
N LEU D 96 5.64 8.16 47.36
CA LEU D 96 4.37 7.45 47.51
C LEU D 96 4.29 6.77 48.88
N GLN D 97 5.38 6.13 49.26
CA GLN D 97 5.46 5.41 50.53
C GLN D 97 5.20 6.36 51.72
N SER D 98 5.80 7.54 51.68
CA SER D 98 5.66 8.54 52.74
C SER D 98 4.36 9.34 52.66
N LYS D 99 3.68 9.22 51.50
CA LYS D 99 2.47 9.99 51.12
C LYS D 99 2.70 11.47 50.86
N GLU D 100 3.97 11.86 50.69
CA GLU D 100 4.28 13.24 50.32
C GLU D 100 3.78 13.51 48.90
N VAL D 101 3.75 12.47 48.09
CA VAL D 101 3.11 12.49 46.78
C VAL D 101 1.84 11.62 46.88
N ASP D 102 0.71 12.15 46.37
CA ASP D 102 -0.61 11.52 46.49
C ASP D 102 -0.94 10.46 45.45
N MET D 103 -0.23 10.52 44.33
CA MET D 103 -0.59 9.81 43.10
C MET D 103 0.62 9.85 42.18
N GLY D 104 0.75 8.85 41.30
CA GLY D 104 1.81 8.89 40.32
C GLY D 104 1.25 8.42 38.99
N ILE D 105 1.75 9.02 37.92
CA ILE D 105 1.53 8.47 36.58
C ILE D 105 2.86 8.58 35.89
N SER D 106 3.37 7.45 35.39
CA SER D 106 4.72 7.45 34.80
CA SER D 106 4.76 7.41 34.90
C SER D 106 5.06 6.15 34.07
N GLY D 107 4.08 5.65 33.30
CA GLY D 107 4.33 4.46 32.48
C GLY D 107 4.59 3.29 33.39
N ILE D 108 3.86 3.24 34.52
CA ILE D 108 4.17 2.27 35.59
C ILE D 108 3.40 0.99 35.42
N THR D 109 4.12 -0.10 35.28
CA THR D 109 3.50 -1.41 35.18
C THR D 109 2.91 -1.89 36.51
N ILE D 110 1.69 -2.41 36.43
CA ILE D 110 1.05 -3.01 37.58
C ILE D 110 1.73 -4.35 37.79
N THR D 111 2.27 -4.56 39.00
CA THR D 111 2.86 -5.86 39.36
C THR D 111 2.38 -6.37 40.72
N ASP D 112 2.44 -7.70 40.89
CA ASP D 112 2.12 -8.33 42.16
C ASP D 112 2.96 -7.75 43.30
N GLU D 113 4.27 -7.67 43.10
CA GLU D 113 5.18 -7.10 44.10
C GLU D 113 4.82 -5.65 44.45
N ARG D 114 4.57 -4.82 43.44
CA ARG D 114 4.16 -3.44 43.71
C ARG D 114 2.83 -3.32 44.46
N LYS D 115 1.89 -4.20 44.12
CA LYS D 115 0.58 -4.22 44.77
C LYS D 115 0.68 -4.49 46.26
N GLN D 116 1.75 -5.15 46.68
CA GLN D 116 2.02 -5.35 48.11
C GLN D 116 2.23 -4.04 48.89
N SER D 117 2.70 -2.99 48.20
CA SER D 117 3.05 -1.69 48.81
C SER D 117 2.19 -0.49 48.36
N TYR D 118 1.54 -0.64 47.22
CA TYR D 118 0.83 0.47 46.56
C TYR D 118 -0.50 -0.03 46.02
N ASP D 119 -1.43 0.91 45.72
CA ASP D 119 -2.66 0.58 45.00
C ASP D 119 -2.56 1.13 43.58
N PHE D 120 -3.27 0.50 42.64
CA PHE D 120 -3.27 0.96 41.25
C PHE D 120 -4.65 1.23 40.76
N SER D 121 -4.74 2.14 39.80
CA SER D 121 -5.99 2.34 39.07
C SER D 121 -6.23 1.11 38.20
N ASP D 122 -7.42 1.05 37.60
CA ASP D 122 -7.66 0.17 36.49
C ASP D 122 -6.62 0.42 35.38
N PRO D 123 -6.28 -0.62 34.60
CA PRO D 123 -5.23 -0.40 33.60
C PRO D 123 -5.62 0.62 32.52
N TYR D 124 -4.62 1.34 32.00
CA TYR D 124 -4.89 2.32 30.95
C TYR D 124 -4.01 2.12 29.73
N PHE D 125 -3.13 1.12 29.75
CA PHE D 125 -2.20 0.88 28.63
C PHE D 125 -1.64 -0.55 28.68
N GLU D 126 -1.28 -1.11 27.53
CA GLU D 126 -0.61 -2.41 27.52
C GLU D 126 0.74 -2.25 26.82
N ALA D 127 1.74 -2.96 27.32
CA ALA D 127 3.12 -2.85 26.86
C ALA D 127 3.82 -4.19 27.01
N THR D 128 5.07 -4.26 26.57
CA THR D 128 5.95 -5.36 26.87
C THR D 128 7.37 -4.79 26.89
N GLN D 129 8.26 -5.51 27.56
CA GLN D 129 9.69 -5.20 27.43
C GLN D 129 10.18 -5.65 26.06
N VAL D 130 11.18 -4.93 25.56
CA VAL D 130 11.84 -5.26 24.29
C VAL D 130 13.34 -5.01 24.45
N ILE D 131 14.11 -5.45 23.45
CA ILE D 131 15.54 -5.26 23.46
C ILE D 131 15.89 -4.16 22.46
N LEU D 132 16.56 -3.12 22.94
CA LEU D 132 17.00 -2.04 22.08
C LEU D 132 18.50 -2.24 21.84
N VAL D 133 18.92 -2.24 20.58
CA VAL D 133 20.34 -2.48 20.22
C VAL D 133 20.79 -1.57 19.08
N LYS D 134 22.10 -1.46 18.88
CA LYS D 134 22.63 -0.85 17.64
C LYS D 134 22.30 -1.78 16.47
N GLN D 135 22.01 -1.20 15.31
CA GLN D 135 21.70 -1.97 14.09
C GLN D 135 22.68 -3.09 13.72
N GLY D 136 23.95 -2.91 14.03
CA GLY D 136 24.91 -4.01 13.77
C GLY D 136 24.88 -5.20 14.72
N SER D 137 24.06 -5.12 15.78
CA SER D 137 24.09 -6.15 16.85
C SER D 137 23.72 -7.56 16.36
N PRO D 138 24.46 -8.59 16.81
CA PRO D 138 24.10 -9.94 16.40
C PRO D 138 22.87 -10.49 17.16
N VAL D 139 22.39 -9.75 18.17
CA VAL D 139 21.28 -10.17 19.04
C VAL D 139 19.98 -10.41 18.27
N LYS D 140 19.41 -11.62 18.40
CA LYS D 140 18.12 -11.96 17.74
C LYS D 140 16.97 -12.23 18.70
N ASN D 141 17.30 -12.48 19.97
CA ASN D 141 16.37 -12.86 21.02
C ASN D 141 17.02 -12.62 22.38
N ALA D 142 16.26 -12.73 23.47
CA ALA D 142 16.81 -12.43 24.79
C ALA D 142 17.98 -13.33 25.20
N LEU D 143 17.95 -14.59 24.82
CA LEU D 143 19.01 -15.52 25.24
C LEU D 143 20.38 -15.18 24.64
N ASP D 144 20.39 -14.50 23.50
CA ASP D 144 21.64 -14.00 22.87
C ASP D 144 22.39 -12.99 23.77
N LEU D 145 21.70 -12.46 24.80
CA LEU D 145 22.32 -11.54 25.77
C LEU D 145 23.15 -12.22 26.88
N LYS D 146 23.14 -13.55 26.94
CA LYS D 146 23.95 -14.28 27.95
C LYS D 146 25.43 -13.93 27.76
N GLY D 147 26.07 -13.44 28.82
CA GLY D 147 27.46 -12.95 28.75
C GLY D 147 27.60 -11.49 28.37
N LYS D 148 26.52 -10.89 27.87
CA LYS D 148 26.52 -9.48 27.42
C LYS D 148 26.10 -8.50 28.51
N THR D 149 26.50 -7.25 28.35
CA THR D 149 26.13 -6.23 29.34
C THR D 149 24.84 -5.53 28.94
N ILE D 150 23.91 -5.38 29.88
CA ILE D 150 22.58 -4.84 29.58
C ILE D 150 22.31 -3.59 30.42
N GLY D 151 21.89 -2.50 29.80
CA GLY D 151 21.49 -1.34 30.55
C GLY D 151 19.99 -1.37 30.81
N VAL D 152 19.61 -1.01 32.03
CA VAL D 152 18.21 -0.89 32.41
C VAL D 152 18.07 0.34 33.30
N GLN D 153 16.83 0.84 33.42
CA GLN D 153 16.56 1.81 34.48
C GLN D 153 16.37 1.04 35.80
N ASN D 154 16.92 1.59 36.89
CA ASN D 154 16.80 0.97 38.21
C ASN D 154 15.34 0.72 38.55
N ALA D 155 15.07 -0.45 39.16
CA ALA D 155 13.75 -0.74 39.78
C ALA D 155 12.60 -0.69 38.77
N THR D 156 12.83 -1.27 37.60
CA THR D 156 11.82 -1.35 36.56
C THR D 156 11.57 -2.80 36.18
N THR D 157 10.47 -3.05 35.49
CA THR D 157 10.18 -4.38 34.98
C THR D 157 11.23 -4.85 33.96
N GLY D 158 11.90 -3.89 33.31
CA GLY D 158 13.07 -4.19 32.47
C GLY D 158 14.22 -4.80 33.28
N GLN D 159 14.55 -4.17 34.41
CA GLN D 159 15.60 -4.72 35.26
C GLN D 159 15.22 -6.13 35.77
N GLU D 160 13.97 -6.29 36.18
CA GLU D 160 13.43 -7.57 36.66
C GLU D 160 13.60 -8.67 35.63
N ALA D 161 13.16 -8.36 34.41
CA ALA D 161 13.31 -9.26 33.27
C ALA D 161 14.77 -9.69 33.01
N ALA D 162 15.69 -8.73 33.09
CA ALA D 162 17.10 -9.02 32.86
C ALA D 162 17.60 -9.97 33.93
N GLU D 163 17.29 -9.66 35.18
CA GLU D 163 17.70 -10.52 36.30
C GLU D 163 17.06 -11.94 36.25
N LYS D 164 15.81 -12.04 35.80
CA LYS D 164 15.13 -13.33 35.65
C LYS D 164 15.82 -14.22 34.62
N LEU D 165 16.34 -13.61 33.56
CA LEU D 165 17.06 -14.33 32.53
C LEU D 165 18.47 -14.73 32.94
N PHE D 166 19.22 -13.77 33.49
CA PHE D 166 20.67 -13.90 33.64
C PHE D 166 21.15 -13.87 35.09
N GLY D 167 20.20 -13.65 36.01
CA GLY D 167 20.49 -13.54 37.43
C GLY D 167 20.98 -12.14 37.74
N LYS D 168 21.05 -11.82 39.02
CA LYS D 168 21.62 -10.54 39.45
C LYS D 168 23.11 -10.59 39.19
N GLY D 169 23.73 -9.46 38.99
CA GLY D 169 25.16 -9.45 38.71
C GLY D 169 25.60 -8.22 37.94
N PRO D 170 26.94 -8.05 37.78
CA PRO D 170 27.52 -6.82 37.24
C PRO D 170 27.24 -6.62 35.74
N HIS D 171 26.89 -7.69 35.02
CA HIS D 171 26.47 -7.55 33.62
C HIS D 171 25.25 -6.62 33.44
N ILE D 172 24.45 -6.46 34.50
CA ILE D 172 23.23 -5.65 34.42
C ILE D 172 23.57 -4.27 35.00
N LYS D 173 23.56 -3.25 34.15
CA LYS D 173 23.89 -1.90 34.57
C LYS D 173 22.61 -1.10 34.79
N LYS D 174 22.46 -0.52 35.99
CA LYS D 174 21.23 0.20 36.35
C LYS D 174 21.38 1.70 36.43
N PHE D 175 20.52 2.42 35.70
CA PHE D 175 20.58 3.88 35.64
C PHE D 175 19.34 4.54 36.20
N GLU D 176 19.48 5.77 36.65
CA GLU D 176 18.34 6.42 37.27
C GLU D 176 17.27 6.86 36.25
N THR D 177 17.68 7.01 34.99
CA THR D 177 16.71 7.22 33.91
C THR D 177 16.93 6.22 32.78
N THR D 178 15.86 5.95 32.05
CA THR D 178 15.94 5.22 30.79
C THR D 178 16.74 6.03 29.73
N VAL D 179 16.62 7.36 29.78
CA VAL D 179 17.46 8.26 28.93
C VAL D 179 18.96 7.90 29.02
N VAL D 180 19.47 7.80 30.25
CA VAL D 180 20.89 7.46 30.43
C VAL D 180 21.23 6.03 29.98
N ALA D 181 20.31 5.09 30.21
CA ALA D 181 20.49 3.73 29.71
C ALA D 181 20.74 3.75 28.21
N ILE D 182 19.92 4.52 27.48
CA ILE D 182 20.03 4.59 26.03
C ILE D 182 21.35 5.28 25.63
N MET D 183 21.78 6.27 26.42
CA MET D 183 23.05 6.93 26.14
CA MET D 183 23.06 6.95 26.19
C MET D 183 24.23 5.97 26.29
N GLU D 184 24.15 5.04 27.26
CA GLU D 184 25.22 4.03 27.43
C GLU D 184 25.21 2.97 26.33
N LEU D 185 24.04 2.76 25.71
CA LEU D 185 23.94 1.96 24.49
C LEU D 185 24.64 2.69 23.35
N LEU D 186 24.29 3.96 23.13
CA LEU D 186 24.88 4.71 22.01
C LEU D 186 26.42 4.80 22.07
N ASN D 187 26.99 4.97 23.25
CA ASN D 187 28.46 5.10 23.36
C ASN D 187 29.20 3.80 23.58
N GLY D 188 28.46 2.69 23.55
CA GLY D 188 29.02 1.34 23.69
C GLY D 188 29.33 0.87 25.10
N GLY D 189 28.82 1.58 26.11
CA GLY D 189 28.94 1.18 27.51
C GLY D 189 28.17 -0.09 27.80
N VAL D 190 27.07 -0.31 27.10
CA VAL D 190 26.30 -1.55 27.22
C VAL D 190 26.00 -2.11 25.81
N ASP D 191 25.78 -3.42 25.75
CA ASP D 191 25.51 -4.10 24.48
C ASP D 191 24.05 -4.02 24.09
N ALA D 192 23.18 -3.81 25.06
CA ALA D 192 21.74 -3.72 24.80
C ALA D 192 21.04 -3.01 25.94
N VAL D 193 19.84 -2.52 25.67
CA VAL D 193 18.97 -1.98 26.70
C VAL D 193 17.67 -2.79 26.69
N ILE D 194 17.13 -3.07 27.87
CA ILE D 194 15.77 -3.62 27.97
C ILE D 194 14.84 -2.55 28.54
N THR D 195 13.86 -2.14 27.73
CA THR D 195 12.90 -1.11 28.14
C THR D 195 11.53 -1.34 27.49
N ASP D 196 10.57 -0.48 27.78
CA ASP D 196 9.20 -0.67 27.33
C ASP D 196 9.07 -0.45 25.82
N ASN D 197 8.24 -1.25 25.20
CA ASN D 197 8.14 -1.23 23.72
C ASN D 197 7.82 0.13 23.09
N ALA D 198 6.90 0.91 23.66
CA ALA D 198 6.51 2.19 23.04
C ALA D 198 7.61 3.22 23.12
N VAL D 199 8.42 3.10 24.18
CA VAL D 199 9.54 4.00 24.42
C VAL D 199 10.66 3.70 23.43
N ALA D 200 10.99 2.43 23.29
CA ALA D 200 12.01 1.96 22.34
C ALA D 200 11.60 2.28 20.91
N ASN D 201 10.34 1.98 20.55
CA ASN D 201 9.86 2.24 19.19
C ASN D 201 9.87 3.73 18.86
N GLU D 202 9.44 4.56 19.81
CA GLU D 202 9.40 6.02 19.67
C GLU D 202 10.80 6.57 19.48
N TYR D 203 11.75 6.05 20.26
CA TYR D 203 13.13 6.52 20.16
C TYR D 203 13.69 6.26 18.77
N VAL D 204 13.49 5.03 18.27
CA VAL D 204 13.99 4.63 16.95
C VAL D 204 13.32 5.49 15.85
N LYS D 205 12.02 5.71 15.96
CA LYS D 205 11.26 6.52 14.99
C LYS D 205 11.75 7.95 14.90
N ASN D 206 12.04 8.53 16.07
CA ASN D 206 12.47 9.92 16.15
C ASN D 206 13.97 10.14 15.95
N ASN D 207 14.76 9.06 15.92
CA ASN D 207 16.22 9.20 15.85
C ASN D 207 16.83 8.27 14.80
N PRO D 208 16.41 8.41 13.52
CA PRO D 208 16.92 7.53 12.47
C PRO D 208 18.45 7.58 12.37
N ASN D 209 19.05 8.73 12.65
CA ASN D 209 20.51 8.91 12.56
C ASN D 209 21.30 8.16 13.65
N LYS D 210 20.63 7.71 14.69
CA LYS D 210 21.26 6.90 15.75
C LYS D 210 21.44 5.43 15.39
N LYS D 211 20.74 4.98 14.35
CA LYS D 211 20.85 3.62 13.79
C LYS D 211 20.70 2.54 14.87
N LEU D 212 19.55 2.59 15.56
CA LEU D 212 19.23 1.57 16.55
C LEU D 212 18.09 0.73 16.03
N GLN D 213 17.86 -0.42 16.66
CA GLN D 213 16.76 -1.27 16.26
C GLN D 213 16.14 -1.90 17.48
N VAL D 214 14.89 -2.31 17.34
CA VAL D 214 14.16 -2.98 18.40
C VAL D 214 14.02 -4.45 18.06
N ILE D 215 14.37 -5.30 19.00
CA ILE D 215 14.25 -6.75 18.88
C ILE D 215 13.19 -7.16 19.86
N GLU D 216 12.11 -7.75 19.35
CA GLU D 216 11.02 -8.22 20.20
C GLU D 216 11.19 -9.70 20.42
N ASP D 217 10.83 -10.13 21.63
CA ASP D 217 10.90 -11.52 22.00
C ASP D 217 9.64 -11.86 22.83
N PRO D 218 8.52 -12.13 22.16
CA PRO D 218 7.26 -12.46 22.84
C PRO D 218 7.30 -13.76 23.64
N LYS D 219 8.19 -14.68 23.27
CA LYS D 219 8.31 -15.93 24.02
C LYS D 219 8.84 -15.64 25.42
N ASN D 220 9.81 -14.73 25.52
CA ASN D 220 10.45 -14.43 26.79
C ASN D 220 9.78 -13.37 27.68
N PHE D 221 9.34 -12.27 27.09
CA PHE D 221 8.85 -11.12 27.88
C PHE D 221 7.34 -11.17 28.01
N ALA D 222 6.85 -10.89 29.23
CA ALA D 222 5.40 -10.96 29.53
C ALA D 222 4.60 -9.71 29.08
N SER D 223 3.28 -9.86 28.96
CA SER D 223 2.40 -8.70 28.76
C SER D 223 2.38 -7.88 30.04
N GLU D 224 2.38 -6.55 29.89
CA GLU D 224 2.44 -5.64 31.03
C GLU D 224 1.34 -4.62 30.85
N TYR D 225 0.71 -4.21 31.95
CA TYR D 225 -0.34 -3.19 31.87
C TYR D 225 0.04 -2.03 32.76
N TYR D 226 -0.18 -0.80 32.28
CA TYR D 226 0.17 0.38 33.10
C TYR D 226 -1.04 0.79 33.93
N GLY D 227 -0.77 1.29 35.12
CA GLY D 227 -1.80 1.91 35.93
C GLY D 227 -1.29 3.19 36.57
N MET D 228 -2.20 4.08 36.92
CA MET D 228 -1.83 5.17 37.84
C MET D 228 -1.66 4.54 39.24
N ILE D 229 -0.78 5.12 40.04
CA ILE D 229 -0.37 4.51 41.32
C ILE D 229 -0.72 5.44 42.50
N PHE D 230 -1.00 4.83 43.66
CA PHE D 230 -1.46 5.54 44.85
C PHE D 230 -0.86 4.86 46.07
N PRO D 231 -0.66 5.63 47.16
CA PRO D 231 -0.40 5.01 48.44
C PRO D 231 -1.58 4.10 48.76
N LYS D 232 -1.29 3.03 49.50
CA LYS D 232 -2.33 2.08 49.85
C LYS D 232 -3.46 2.76 50.63
N ASN D 233 -4.68 2.32 50.33
CA ASN D 233 -5.91 2.81 50.94
C ASN D 233 -6.19 4.29 50.61
N SER D 234 -5.68 4.75 49.47
CA SER D 234 -5.94 6.12 49.03
C SER D 234 -7.41 6.31 48.66
N GLU D 235 -7.97 7.45 49.07
CA GLU D 235 -9.34 7.81 48.70
C GLU D 235 -9.47 8.36 47.28
N LEU D 236 -8.33 8.54 46.60
CA LEU D 236 -8.32 9.02 45.21
C LEU D 236 -8.64 7.95 44.19
N LYS D 237 -8.26 6.71 44.48
CA LYS D 237 -8.36 5.60 43.52
C LYS D 237 -9.74 5.48 42.90
N ALA D 238 -10.80 5.46 43.73
CA ALA D 238 -12.16 5.28 43.20
C ALA D 238 -12.55 6.45 42.31
N LYS D 239 -12.14 7.66 42.67
CA LYS D 239 -12.45 8.85 41.86
C LYS D 239 -11.72 8.79 40.52
N VAL D 240 -10.48 8.30 40.55
CA VAL D 240 -9.67 8.18 39.35
C VAL D 240 -10.21 7.07 38.42
N ASP D 241 -10.57 5.91 39.01
CA ASP D 241 -11.16 4.82 38.22
C ASP D 241 -12.45 5.26 37.51
N GLU D 242 -13.30 5.99 38.22
CA GLU D 242 -14.57 6.46 37.65
C GLU D 242 -14.28 7.48 36.51
N ALA D 243 -13.35 8.40 36.75
CA ALA D 243 -12.93 9.43 35.77
C ALA D 243 -12.27 8.81 34.53
N LEU D 244 -11.44 7.80 34.73
CA LEU D 244 -10.85 7.06 33.61
C LEU D 244 -11.92 6.42 32.70
N LYS D 245 -12.91 5.77 33.32
CA LYS D 245 -14.07 5.24 32.56
C LYS D 245 -14.75 6.35 31.77
N ASN D 246 -14.97 7.50 32.42
CA ASN D 246 -15.58 8.69 31.77
C ASN D 246 -14.82 9.12 30.49
N VAL D 247 -13.51 9.18 30.62
CA VAL D 247 -12.57 9.62 29.58
C VAL D 247 -12.53 8.61 28.44
N ILE D 248 -12.52 7.32 28.77
CA ILE D 248 -12.67 6.29 27.74
C ILE D 248 -14.05 6.36 27.04
N ASN D 249 -15.13 6.44 27.83
CA ASN D 249 -16.48 6.39 27.27
C ASN D 249 -16.81 7.56 26.33
N SER D 250 -16.24 8.73 26.60
CA SER D 250 -16.57 9.93 25.80
C SER D 250 -15.82 9.98 24.45
N GLY D 251 -14.77 9.16 24.33
CA GLY D 251 -13.88 9.14 23.17
C GLY D 251 -12.57 9.88 23.36
N LYS D 252 -12.42 10.55 24.50
CA LYS D 252 -11.28 11.39 24.78
C LYS D 252 -10.01 10.53 24.86
N TYR D 253 -10.10 9.39 25.55
CA TYR D 253 -8.94 8.46 25.61
C TYR D 253 -8.44 8.14 24.21
N THR D 254 -9.36 7.80 23.32
CA THR D 254 -9.00 7.37 21.95
C THR D 254 -8.35 8.53 21.18
N GLU D 255 -8.81 9.75 21.42
CA GLU D 255 -8.17 10.92 20.80
C GLU D 255 -6.74 11.16 21.26
N ILE D 256 -6.52 11.06 22.57
CA ILE D 256 -5.17 11.16 23.14
C ILE D 256 -4.26 10.09 22.56
N TYR D 257 -4.79 8.87 22.50
CA TYR D 257 -4.04 7.75 21.99
C TYR D 257 -3.63 7.98 20.53
N LYS D 258 -4.58 8.45 19.72
CA LYS D 258 -4.30 8.74 18.30
C LYS D 258 -3.27 9.88 18.08
N LYS D 259 -3.34 10.89 18.93
CA LYS D 259 -2.34 11.98 18.95
C LYS D 259 -0.90 11.43 19.05
N TRP D 260 -0.70 10.56 20.02
CA TRP D 260 0.62 10.01 20.31
C TRP D 260 1.04 8.77 19.53
N PHE D 261 0.08 7.93 19.11
CA PHE D 261 0.44 6.69 18.45
C PHE D 261 -0.02 6.52 17.00
N GLY D 262 -0.86 7.44 16.55
CA GLY D 262 -1.23 7.56 15.14
C GLY D 262 -2.14 6.46 14.62
N LYS D 263 -2.76 5.71 15.54
CA LYS D 263 -3.64 4.59 15.21
C LYS D 263 -4.70 4.41 16.29
N GLU D 264 -5.78 3.71 15.95
CA GLU D 264 -6.86 3.44 16.89
C GLU D 264 -6.34 2.51 17.97
N PRO D 265 -6.70 2.79 19.25
CA PRO D 265 -6.43 1.81 20.32
C PRO D 265 -7.34 0.59 20.20
N LYS D 266 -6.92 -0.54 20.78
CA LYS D 266 -7.81 -1.67 20.96
C LYS D 266 -8.23 -1.65 22.41
N LEU D 267 -9.38 -1.00 22.67
CA LEU D 267 -9.86 -0.81 24.03
C LEU D 267 -10.14 -2.09 24.83
N ASP D 268 -10.34 -3.22 24.15
CA ASP D 268 -10.54 -4.50 24.83
C ASP D 268 -9.31 -4.95 25.62
N ARG D 269 -8.15 -4.36 25.31
CA ARG D 269 -6.91 -4.60 26.06
C ARG D 269 -7.02 -4.04 27.49
N LEU D 270 -7.95 -3.12 27.69
CA LEU D 270 -8.15 -2.49 29.01
C LEU D 270 -9.14 -3.24 29.92
N LYS D 271 -9.73 -4.33 29.40
CA LYS D 271 -10.74 -5.11 30.13
C LYS D 271 -10.27 -6.54 30.35
N GLN D 272 -8.96 -6.75 30.28
CA GLN D 272 -8.37 -8.08 30.57
C GLN D 272 -8.34 -8.46 32.08
S SO4 E . -30.77 0.89 -26.20
O1 SO4 E . -29.44 1.31 -26.71
O2 SO4 E . -30.85 -0.58 -26.13
O3 SO4 E . -31.78 1.39 -27.12
O4 SO4 E . -30.98 1.47 -24.88
N ARG F . -21.55 3.35 -10.45
CA ARG F . -20.21 3.18 -9.75
C ARG F . -20.41 3.02 -8.25
O ARG F . -21.51 3.23 -7.69
CB ARG F . -19.26 4.35 -10.02
CG ARG F . -19.93 5.69 -9.71
CD ARG F . -18.93 6.83 -9.57
NE ARG F . -19.63 8.12 -9.63
CZ ARG F . -19.03 9.31 -9.53
NH1 ARG F . -17.71 9.37 -9.37
NH2 ARG F . -19.74 10.43 -9.63
OXT ARG F . -19.46 2.64 -7.57
S SO4 G . 18.19 33.43 -6.86
O1 SO4 G . 18.37 32.34 -7.82
O2 SO4 G . 18.80 34.63 -7.42
O3 SO4 G . 18.83 33.10 -5.58
O4 SO4 G . 16.76 33.64 -6.65
N ARG H . 14.12 16.02 -10.68
CA ARG H . 13.35 14.77 -10.33
C ARG H . 14.09 13.51 -10.69
O ARG H . 13.66 12.43 -10.26
CB ARG H . 11.98 14.75 -11.03
CG ARG H . 12.10 15.08 -12.53
CD ARG H . 10.81 14.76 -13.27
NE ARG H . 10.84 15.26 -14.66
CZ ARG H . 9.87 15.07 -15.54
NH1 ARG H . 8.78 14.37 -15.20
NH2 ARG H . 9.97 15.56 -16.76
OXT ARG H . 15.09 13.51 -11.43
S SO4 I . 7.89 -12.02 0.10
O1 SO4 I . 8.49 -12.36 1.40
O2 SO4 I . 7.96 -13.19 -0.78
O3 SO4 I . 8.65 -10.94 -0.51
O4 SO4 I . 6.48 -11.68 0.27
N ARG J . 4.04 -29.69 -3.76
CA ARG J . 3.22 -30.90 -3.43
C ARG J . 3.99 -32.15 -3.83
O ARG J . 3.61 -33.24 -3.43
CB ARG J . 1.87 -30.85 -4.11
CG ARG J . 2.00 -30.66 -5.61
CD ARG J . 0.72 -31.01 -6.32
NE ARG J . 0.74 -30.46 -7.70
CZ ARG J . -0.23 -30.59 -8.59
NH1 ARG J . -1.37 -31.23 -8.31
NH2 ARG J . -0.08 -30.05 -9.80
OXT ARG J . 5.03 -32.09 -4.50
S SO4 K . -2.28 -2.52 17.05
O1 SO4 K . -2.47 -3.96 17.03
O2 SO4 K . -1.00 -2.19 16.44
O3 SO4 K . -2.29 -2.02 18.42
O4 SO4 K . -3.36 -1.87 16.32
N ARG L . 6.88 0.19 32.82
CA ARG L . 8.22 -0.08 33.48
C ARG L . 8.01 -0.24 34.97
O ARG L . 8.92 -0.64 35.68
CB ARG L . 9.20 1.07 33.25
CG ARG L . 8.53 2.42 33.54
CD ARG L . 9.51 3.55 33.63
NE ARG L . 8.80 4.83 33.58
CZ ARG L . 9.40 6.03 33.65
NH1 ARG L . 10.72 6.11 33.81
NH2 ARG L . 8.68 7.12 33.57
OXT ARG L . 6.89 0.04 35.46
#